data_6KU6
#
_entry.id   6KU6
#
_cell.length_a   51.924
_cell.length_b   109.924
_cell.length_c   77.142
_cell.angle_alpha   90.000
_cell.angle_beta   98.520
_cell.angle_gamma   90.000
#
_symmetry.space_group_name_H-M   'P 1 21 1'
#
loop_
_entity.id
_entity.type
_entity.pdbx_description
1 polymer 'Fumarate reductase 2'
2 non-polymer 'FLAVIN-ADENINE DINUCLEOTIDE'
3 non-polymer 'SUCCINIC ACID'
4 water water
#
_entity_poly.entity_id   1
_entity_poly.type   'polypeptide(L)'
_entity_poly.pdbx_seq_one_letter_code
;ASMKQPVVVIGSGLAGLTTSNRLISKYRIPVVLLDKAASIGGNSIKASSGINGAHTDTQQNLKVMDTPELFLKDTLHSAK
GRGVPSLMDKLTKESKSAIRWLQTEFDLKLDLLAQLGGHSVPRTHRSSGKLPPGFEIVQALSKKLKDISSKDSNLVQIML
NSEVVDIELDNQGHVTGVVYMDENGNRKIMKSHHVVFCSGGFGYSKEMLKEYSPNLIHLPTTNGKQTTGDGQKILSKLGA
ELIDMDQVQVHPTGFIDPNDRENNWKFLAAEALRGLGGILLHPTTGRRFTNELSTADTVTMEIQSKCPKNDNRALLVMSD
KVYENYTNNINFYMSKNLIKKVSINDLIRQYDLQTTASELVTELKSYSDVNTKDTFDRPLIINAFDKDISTESTVYVGEV
TPVVHFTMGGVKINEKSQVIKKNSESVLSNGIFAAGEVSGGVHGANRLGGSSLLECVVFGKTAADNIAKLY
;
_entity_poly.pdbx_strand_id   B,H
#
loop_
_chem_comp.id
_chem_comp.type
_chem_comp.name
_chem_comp.formula
FAD non-polymer 'FLAVIN-ADENINE DINUCLEOTIDE' 'C27 H33 N9 O15 P2'
SIN non-polymer 'SUCCINIC ACID' 'C4 H6 O4'
#
# COMPACT_ATOMS: atom_id res chain seq x y z
N ALA A 1 -7.10 26.17 -25.48
CA ALA A 1 -6.25 27.13 -24.76
C ALA A 1 -4.80 26.96 -25.18
N SER A 2 -4.07 28.07 -25.25
CA SER A 2 -2.61 27.97 -25.42
C SER A 2 -1.97 27.74 -24.06
N MET A 3 -0.97 26.87 -24.04
CA MET A 3 -0.36 26.42 -22.80
C MET A 3 0.39 27.56 -22.12
N LYS A 4 0.06 27.79 -20.84
CA LYS A 4 0.71 28.79 -20.00
C LYS A 4 1.21 28.06 -18.77
N GLN A 5 1.17 28.70 -17.59
CA GLN A 5 1.48 28.01 -16.34
C GLN A 5 0.40 26.98 -15.96
N PRO A 6 0.77 25.89 -15.29
CA PRO A 6 -0.23 24.88 -14.94
C PRO A 6 -1.28 25.39 -13.97
N VAL A 7 -2.46 24.78 -14.02
CA VAL A 7 -3.42 24.88 -12.94
C VAL A 7 -3.08 23.81 -11.92
N VAL A 8 -2.95 24.20 -10.66
CA VAL A 8 -2.59 23.28 -9.59
C VAL A 8 -3.86 22.82 -8.93
N VAL A 9 -4.10 21.51 -8.96
CA VAL A 9 -5.24 20.89 -8.30
C VAL A 9 -4.69 20.17 -7.08
N ILE A 10 -5.23 20.48 -5.90
CA ILE A 10 -4.67 19.98 -4.64
C ILE A 10 -5.59 18.86 -4.15
N GLY A 11 -5.20 17.62 -4.37
CA GLY A 11 -6.01 16.48 -3.85
C GLY A 11 -6.51 15.61 -4.99
N SER A 12 -6.26 14.30 -4.90
CA SER A 12 -6.62 13.35 -5.95
C SER A 12 -7.84 12.51 -5.61
N GLY A 13 -8.70 12.96 -4.70
CA GLY A 13 -10.03 12.39 -4.58
C GLY A 13 -10.86 12.72 -5.81
N LEU A 14 -12.17 12.46 -5.70
CA LEU A 14 -13.05 12.66 -6.85
C LEU A 14 -13.12 14.13 -7.27
N ALA A 15 -13.10 15.05 -6.31
CA ALA A 15 -13.15 16.47 -6.66
C ALA A 15 -11.95 16.85 -7.52
N GLY A 16 -10.74 16.50 -7.07
CA GLY A 16 -9.56 16.81 -7.83
C GLY A 16 -9.49 16.08 -9.17
N LEU A 17 -9.91 14.82 -9.21
CA LEU A 17 -9.86 14.08 -10.46
C LEU A 17 -10.84 14.65 -11.47
N THR A 18 -12.02 15.08 -11.00
CA THR A 18 -13.00 15.69 -11.89
C THR A 18 -12.46 17.00 -12.46
N THR A 19 -12.01 17.90 -11.59
CA THR A 19 -11.43 19.17 -12.03
C THR A 19 -10.31 18.95 -13.06
N SER A 20 -9.41 18.02 -12.76
CA SER A 20 -8.28 17.77 -13.65
C SER A 20 -8.74 17.29 -15.02
N ASN A 21 -9.67 16.33 -15.06
CA ASN A 21 -10.08 15.77 -16.35
C ASN A 21 -10.80 16.82 -17.20
N ARG A 22 -11.68 17.59 -16.57
CA ARG A 22 -12.43 18.60 -17.30
C ARG A 22 -11.50 19.66 -17.88
N LEU A 23 -10.47 20.04 -17.13
CA LEU A 23 -9.50 21.03 -17.61
C LEU A 23 -8.69 20.53 -18.80
N ILE A 24 -8.20 19.28 -18.72
CA ILE A 24 -7.32 18.75 -19.76
C ILE A 24 -8.10 18.50 -21.05
N SER A 25 -9.26 17.85 -20.92
CA SER A 25 -9.95 17.27 -22.06
C SER A 25 -10.85 18.25 -22.80
N LYS A 26 -11.47 19.19 -22.09
CA LYS A 26 -12.36 20.12 -22.75
C LYS A 26 -11.64 21.35 -23.24
N TYR A 27 -10.60 21.82 -22.53
CA TYR A 27 -9.95 23.07 -22.88
C TYR A 27 -8.46 22.98 -23.15
N ARG A 28 -7.83 21.81 -22.93
CA ARG A 28 -6.38 21.66 -23.11
C ARG A 28 -5.58 22.53 -22.15
N ILE A 29 -6.11 22.76 -20.96
CA ILE A 29 -5.44 23.57 -19.92
C ILE A 29 -4.55 22.66 -19.09
N PRO A 30 -3.26 22.96 -18.96
CA PRO A 30 -2.34 22.02 -18.31
C PRO A 30 -2.58 21.96 -16.80
N VAL A 31 -2.39 20.77 -16.23
CA VAL A 31 -2.65 20.53 -14.81
C VAL A 31 -1.44 19.89 -14.14
N VAL A 32 -1.16 20.33 -12.91
CA VAL A 32 -0.29 19.63 -11.98
C VAL A 32 -1.17 19.19 -10.80
N LEU A 33 -1.22 17.89 -10.55
CA LEU A 33 -2.11 17.33 -9.53
C LEU A 33 -1.23 16.91 -8.37
N LEU A 34 -1.30 17.66 -7.28
CA LEU A 34 -0.53 17.37 -6.06
C LEU A 34 -1.37 16.59 -5.07
N ASP A 35 -0.75 15.62 -4.40
CA ASP A 35 -1.40 14.93 -3.29
C ASP A 35 -0.35 14.60 -2.25
N LYS A 36 -0.66 14.87 -0.98
CA LYS A 36 0.33 14.61 0.08
C LYS A 36 0.43 13.14 0.42
N ALA A 37 -0.55 12.33 0.03
CA ALA A 37 -0.52 10.90 0.27
C ALA A 37 0.35 10.19 -0.75
N ALA A 38 0.64 8.93 -0.49
CA ALA A 38 1.48 8.11 -1.37
C ALA A 38 0.68 7.37 -2.43
N SER A 39 -0.64 7.54 -2.46
CA SER A 39 -1.45 6.94 -3.51
C SER A 39 -2.60 7.89 -3.81
N ILE A 40 -3.26 7.63 -4.94
CA ILE A 40 -4.37 8.45 -5.44
C ILE A 40 -5.67 8.04 -4.77
N GLY A 41 -6.56 9.00 -4.52
CA GLY A 41 -7.98 8.71 -4.24
C GLY A 41 -8.54 9.21 -2.92
N GLY A 42 -7.72 9.48 -1.92
CA GLY A 42 -8.23 9.92 -0.61
C GLY A 42 -9.33 9.04 -0.04
N ASN A 43 -10.35 9.67 0.54
CA ASN A 43 -11.52 8.94 1.00
C ASN A 43 -12.49 8.61 -0.13
N SER A 44 -12.38 9.29 -1.28
CA SER A 44 -13.28 8.98 -2.41
C SER A 44 -13.15 7.53 -2.83
N ILE A 45 -11.93 7.01 -2.89
CA ILE A 45 -11.70 5.66 -3.40
C ILE A 45 -12.30 4.59 -2.52
N LYS A 46 -12.67 4.95 -1.28
CA LYS A 46 -13.28 4.02 -0.33
C LYS A 46 -14.80 3.97 -0.44
N ALA A 47 -15.40 4.85 -1.26
CA ALA A 47 -16.85 5.01 -1.31
C ALA A 47 -17.52 3.72 -1.75
N SER A 48 -18.58 3.38 -1.03
CA SER A 48 -19.23 2.10 -1.07
C SER A 48 -20.69 2.15 -1.52
N SER A 49 -21.42 3.21 -1.19
CA SER A 49 -22.85 3.23 -1.47
C SER A 49 -23.16 3.73 -2.88
N GLY A 50 -22.62 4.89 -3.27
CA GLY A 50 -22.73 5.37 -4.63
C GLY A 50 -22.91 6.88 -4.68
N ILE A 51 -23.36 7.35 -5.85
CA ILE A 51 -23.41 8.78 -6.19
C ILE A 51 -24.84 9.13 -6.58
N ASN A 52 -25.36 10.21 -5.99
CA ASN A 52 -26.75 10.58 -6.21
C ASN A 52 -26.91 11.30 -7.55
N GLY A 53 -28.09 11.14 -8.14
CA GLY A 53 -28.47 11.81 -9.36
C GLY A 53 -29.99 11.80 -9.46
N ALA A 54 -30.57 12.92 -9.87
CA ALA A 54 -32.01 13.06 -9.95
C ALA A 54 -32.43 13.30 -11.41
N HIS A 55 -33.34 12.45 -11.88
CA HIS A 55 -33.83 12.37 -13.26
C HIS A 55 -32.74 11.86 -14.21
N THR A 56 -32.29 10.64 -13.97
CA THR A 56 -31.20 10.03 -14.71
C THR A 56 -31.72 9.05 -15.77
N ASP A 57 -30.82 8.61 -16.66
CA ASP A 57 -31.18 7.52 -17.56
C ASP A 57 -31.44 6.23 -16.78
N THR A 58 -30.63 5.99 -15.74
CA THR A 58 -30.78 4.81 -14.88
C THR A 58 -32.13 4.82 -14.16
N GLN A 59 -32.52 5.96 -13.60
CA GLN A 59 -33.85 6.03 -12.99
C GLN A 59 -34.93 5.81 -14.05
N GLN A 60 -34.75 6.38 -15.25
CA GLN A 60 -35.68 6.12 -16.35
C GLN A 60 -35.75 4.63 -16.66
N ASN A 61 -34.59 3.97 -16.80
CA ASN A 61 -34.56 2.53 -17.10
C ASN A 61 -35.30 1.73 -16.04
N LEU A 62 -35.16 2.13 -14.77
CA LEU A 62 -35.78 1.45 -13.64
C LEU A 62 -37.11 2.06 -13.23
N LYS A 63 -37.62 3.00 -14.01
CA LYS A 63 -38.98 3.52 -13.84
C LYS A 63 -39.21 4.14 -12.47
N VAL A 64 -38.19 4.76 -11.90
CA VAL A 64 -38.35 5.58 -10.70
C VAL A 64 -38.52 7.02 -11.16
N MET A 65 -39.50 7.72 -10.60
CA MET A 65 -39.73 9.11 -10.95
C MET A 65 -39.10 10.02 -9.90
N ASP A 66 -38.23 10.92 -10.36
CA ASP A 66 -37.44 11.81 -9.51
C ASP A 66 -37.21 13.09 -10.29
N THR A 67 -37.03 14.19 -9.56
CA THR A 67 -36.81 15.49 -10.18
C THR A 67 -35.74 16.25 -9.41
N PRO A 68 -35.08 17.24 -10.05
CA PRO A 68 -34.25 18.17 -9.27
C PRO A 68 -35.03 18.85 -8.15
N GLU A 69 -36.32 19.09 -8.34
CA GLU A 69 -37.14 19.72 -7.31
C GLU A 69 -37.32 18.82 -6.08
N LEU A 70 -37.52 17.52 -6.29
CA LEU A 70 -37.69 16.61 -5.16
C LEU A 70 -36.37 16.40 -4.41
N PHE A 71 -35.27 16.26 -5.15
CA PHE A 71 -33.95 16.12 -4.54
C PHE A 71 -33.65 17.33 -3.66
N LEU A 72 -33.89 18.53 -4.19
CA LEU A 72 -33.74 19.75 -3.39
C LEU A 72 -34.60 19.71 -2.15
N LYS A 73 -35.84 19.22 -2.28
CA LYS A 73 -36.72 19.06 -1.12
C LYS A 73 -36.08 18.20 -0.04
N ASP A 74 -35.59 17.01 -0.41
CA ASP A 74 -34.97 16.14 0.59
C ASP A 74 -33.71 16.78 1.16
N THR A 75 -32.94 17.47 0.32
CA THR A 75 -31.71 18.09 0.77
C THR A 75 -31.98 19.22 1.75
N LEU A 76 -32.96 20.07 1.43
CA LEU A 76 -33.30 21.16 2.34
C LEU A 76 -33.73 20.63 3.69
N HIS A 77 -34.53 19.56 3.68
CA HIS A 77 -35.01 18.99 4.92
C HIS A 77 -33.89 18.41 5.78
N SER A 78 -32.88 17.80 5.14
CA SER A 78 -31.74 17.23 5.88
C SER A 78 -30.84 18.32 6.48
N ALA A 79 -30.70 19.45 5.77
CA ALA A 79 -29.81 20.53 6.21
C ALA A 79 -30.31 21.22 7.48
N LYS A 80 -31.63 21.16 7.74
CA LYS A 80 -32.24 21.75 8.93
C LYS A 80 -31.94 23.24 9.07
N GLY A 81 -32.18 24.00 8.00
CA GLY A 81 -32.04 25.43 8.09
C GLY A 81 -30.63 25.96 8.20
N ARG A 82 -29.63 25.13 7.88
CA ARG A 82 -28.25 25.58 7.75
C ARG A 82 -27.82 25.44 6.29
N GLY A 83 -26.62 25.92 5.99
CA GLY A 83 -26.08 25.84 4.65
C GLY A 83 -26.45 27.01 3.76
N VAL A 84 -26.17 26.84 2.47
CA VAL A 84 -26.37 27.85 1.44
C VAL A 84 -27.31 27.34 0.36
N PRO A 85 -28.57 27.79 0.34
CA PRO A 85 -29.57 27.20 -0.57
C PRO A 85 -29.22 27.22 -2.06
N SER A 86 -28.58 28.27 -2.60
CA SER A 86 -28.24 28.22 -4.01
C SER A 86 -27.24 27.11 -4.30
N LEU A 87 -26.43 26.73 -3.30
CA LEU A 87 -25.53 25.58 -3.44
C LEU A 87 -26.31 24.26 -3.37
N MET A 88 -27.36 24.21 -2.54
CA MET A 88 -28.23 23.04 -2.53
C MET A 88 -29.06 22.95 -3.79
N ASP A 89 -29.51 24.09 -4.34
CA ASP A 89 -30.18 24.05 -5.63
C ASP A 89 -29.24 23.54 -6.71
N LYS A 90 -28.06 24.16 -6.80
CA LYS A 90 -27.12 23.83 -7.85
C LYS A 90 -26.72 22.35 -7.83
N LEU A 91 -26.50 21.82 -6.63
CA LEU A 91 -26.10 20.42 -6.46
C LEU A 91 -27.15 19.48 -7.04
N THR A 92 -28.41 19.74 -6.74
CA THR A 92 -29.47 18.83 -7.17
C THR A 92 -29.82 19.05 -8.65
N LYS A 93 -29.79 20.30 -9.13
CA LYS A 93 -30.13 20.58 -10.52
C LYS A 93 -29.04 20.15 -11.51
N GLU A 94 -27.79 20.12 -11.07
CA GLU A 94 -26.74 19.63 -11.96
C GLU A 94 -26.49 18.14 -11.79
N SER A 95 -27.26 17.45 -10.93
CA SER A 95 -26.95 16.06 -10.64
C SER A 95 -27.14 15.18 -11.86
N LYS A 96 -28.15 15.48 -12.70
CA LYS A 96 -28.35 14.73 -13.94
C LYS A 96 -27.13 14.82 -14.82
N SER A 97 -26.65 16.05 -15.06
CA SER A 97 -25.47 16.25 -15.91
C SER A 97 -24.23 15.58 -15.33
N ALA A 98 -24.08 15.62 -14.00
CA ALA A 98 -22.95 14.93 -13.37
C ALA A 98 -23.00 13.43 -13.65
N ILE A 99 -24.14 12.78 -13.45
CA ILE A 99 -24.22 11.35 -13.73
C ILE A 99 -23.91 11.09 -15.20
N ARG A 100 -24.58 11.84 -16.10
CA ARG A 100 -24.36 11.66 -17.53
C ARG A 100 -22.91 11.89 -17.92
N TRP A 101 -22.26 12.85 -17.27
CA TRP A 101 -20.85 13.10 -17.56
C TRP A 101 -19.99 11.87 -17.30
N LEU A 102 -20.20 11.21 -16.16
CA LEU A 102 -19.44 10.00 -15.87
C LEU A 102 -19.78 8.89 -16.86
N GLN A 103 -21.06 8.77 -17.23
CA GLN A 103 -21.45 7.75 -18.19
C GLN A 103 -20.77 7.97 -19.55
N THR A 104 -20.98 9.14 -20.17
CA THR A 104 -20.53 9.35 -21.56
C THR A 104 -19.02 9.53 -21.67
N GLU A 105 -18.40 10.20 -20.71
CA GLU A 105 -16.96 10.45 -20.88
C GLU A 105 -16.08 9.29 -20.42
N PHE A 106 -16.59 8.43 -19.53
CA PHE A 106 -15.77 7.34 -19.01
C PHE A 106 -16.42 5.97 -19.12
N ASP A 107 -17.61 5.87 -19.70
CA ASP A 107 -18.29 4.60 -19.88
C ASP A 107 -18.52 3.86 -18.56
N LEU A 108 -18.75 4.63 -17.49
CA LEU A 108 -19.14 4.06 -16.20
C LEU A 108 -20.64 3.82 -16.25
N LYS A 109 -21.06 2.56 -16.02
CA LYS A 109 -22.47 2.22 -16.25
C LYS A 109 -23.38 2.94 -15.26
N LEU A 110 -23.05 2.88 -13.96
CA LEU A 110 -23.88 3.42 -12.88
C LEU A 110 -25.35 3.02 -13.05
N ASP A 111 -25.58 1.72 -13.25
CA ASP A 111 -26.86 1.21 -13.73
C ASP A 111 -27.77 0.72 -12.62
N LEU A 112 -27.27 0.60 -11.38
CA LEU A 112 -28.05 0.15 -10.24
C LEU A 112 -28.38 1.33 -9.35
N LEU A 113 -29.42 1.17 -8.52
CA LEU A 113 -29.83 2.19 -7.57
C LEU A 113 -29.96 1.57 -6.17
N ALA A 114 -30.02 2.46 -5.17
CA ALA A 114 -30.38 2.13 -3.79
C ALA A 114 -31.00 3.38 -3.18
N GLN A 115 -31.91 3.20 -2.22
CA GLN A 115 -32.54 4.33 -1.56
C GLN A 115 -31.93 4.47 -0.17
N LEU A 116 -31.27 5.59 0.08
CA LEU A 116 -30.61 5.81 1.36
C LEU A 116 -31.50 6.64 2.28
N GLY A 117 -31.01 6.84 3.50
CA GLY A 117 -31.80 7.47 4.54
C GLY A 117 -32.13 8.90 4.18
N GLY A 118 -33.39 9.27 4.40
CA GLY A 118 -33.80 10.62 4.13
C GLY A 118 -34.08 10.92 2.68
N HIS A 119 -34.00 9.92 1.80
CA HIS A 119 -34.33 10.09 0.40
C HIS A 119 -35.76 9.63 0.13
N SER A 120 -36.47 10.38 -0.70
CA SER A 120 -37.87 10.09 -0.98
C SER A 120 -38.03 8.97 -2.00
N VAL A 121 -37.05 8.81 -2.90
CA VAL A 121 -37.01 7.76 -3.91
C VAL A 121 -35.58 7.21 -4.00
N PRO A 122 -35.34 6.08 -4.65
CA PRO A 122 -33.96 5.62 -4.86
C PRO A 122 -33.24 6.49 -5.91
N ARG A 123 -32.09 7.03 -5.53
CA ARG A 123 -31.31 7.85 -6.46
C ARG A 123 -29.79 7.73 -6.31
N THR A 124 -29.31 6.87 -5.42
CA THR A 124 -27.88 6.65 -5.25
C THR A 124 -27.43 5.58 -6.24
N HIS A 125 -26.57 5.95 -7.19
CA HIS A 125 -26.18 5.08 -8.29
C HIS A 125 -24.90 4.30 -7.98
N ARG A 126 -24.87 3.03 -8.37
CA ARG A 126 -23.63 2.27 -8.47
C ARG A 126 -23.69 1.40 -9.72
N SER A 127 -22.52 0.95 -10.18
CA SER A 127 -22.45 0.08 -11.35
C SER A 127 -22.52 -1.38 -10.95
N SER A 128 -23.20 -2.17 -11.78
CA SER A 128 -23.13 -3.61 -11.56
C SER A 128 -21.71 -4.09 -11.84
N GLY A 129 -21.38 -5.25 -11.33
CA GLY A 129 -20.03 -5.74 -11.45
C GLY A 129 -19.36 -5.86 -10.11
N LYS A 130 -18.07 -6.15 -10.15
CA LYS A 130 -17.29 -6.47 -8.96
C LYS A 130 -16.69 -5.25 -8.28
N LEU A 131 -16.70 -4.07 -8.92
CA LEU A 131 -16.01 -2.92 -8.33
C LEU A 131 -16.98 -2.00 -7.62
N PRO A 132 -16.74 -1.64 -6.36
CA PRO A 132 -17.59 -0.66 -5.68
C PRO A 132 -17.46 0.71 -6.33
N PRO A 133 -18.39 1.63 -6.05
CA PRO A 133 -18.42 2.87 -6.85
C PRO A 133 -17.21 3.76 -6.65
N GLY A 134 -16.77 3.98 -5.41
CA GLY A 134 -15.63 4.85 -5.18
C GLY A 134 -14.39 4.40 -5.94
N PHE A 135 -14.09 3.11 -5.85
CA PHE A 135 -12.92 2.57 -6.56
C PHE A 135 -13.12 2.62 -8.08
N GLU A 136 -14.31 2.26 -8.55
CA GLU A 136 -14.51 2.22 -10.00
C GLU A 136 -14.37 3.62 -10.60
N ILE A 137 -14.97 4.62 -9.94
CA ILE A 137 -14.93 5.97 -10.49
C ILE A 137 -13.51 6.52 -10.43
N VAL A 138 -12.83 6.40 -9.28
CA VAL A 138 -11.46 6.93 -9.16
C VAL A 138 -10.54 6.26 -10.17
N GLN A 139 -10.61 4.94 -10.27
CA GLN A 139 -9.78 4.20 -11.22
C GLN A 139 -9.96 4.73 -12.64
N ALA A 140 -11.22 4.94 -13.05
CA ALA A 140 -11.50 5.38 -14.41
C ALA A 140 -10.93 6.77 -14.66
N LEU A 141 -11.21 7.73 -13.77
CA LEU A 141 -10.76 9.09 -14.01
C LEU A 141 -9.24 9.21 -13.92
N SER A 142 -8.62 8.45 -13.01
CA SER A 142 -7.17 8.54 -12.88
C SER A 142 -6.45 7.84 -14.03
N LYS A 143 -7.04 6.77 -14.57
CA LYS A 143 -6.44 6.10 -15.73
C LYS A 143 -6.42 7.03 -16.94
N LYS A 144 -7.47 7.83 -17.11
CA LYS A 144 -7.52 8.76 -18.25
C LYS A 144 -6.41 9.80 -18.17
N LEU A 145 -6.10 10.27 -16.95
CA LEU A 145 -5.00 11.23 -16.77
C LEU A 145 -3.66 10.59 -17.10
N LYS A 146 -3.46 9.36 -16.66
CA LYS A 146 -2.21 8.68 -16.97
C LYS A 146 -2.09 8.42 -18.48
N ASP A 147 -3.19 8.05 -19.13
CA ASP A 147 -3.21 7.91 -20.59
C ASP A 147 -2.84 9.22 -21.27
N ILE A 148 -3.40 10.33 -20.80
CA ILE A 148 -3.11 11.63 -21.40
C ILE A 148 -1.67 12.03 -21.12
N SER A 149 -1.24 11.87 -19.86
CA SER A 149 0.13 12.17 -19.50
C SER A 149 1.11 11.39 -20.38
N SER A 150 0.80 10.12 -20.65
CA SER A 150 1.68 9.28 -21.46
C SER A 150 1.83 9.81 -22.89
N LYS A 151 0.82 10.50 -23.42
CA LYS A 151 0.99 11.05 -24.76
C LYS A 151 1.61 12.44 -24.73
N ASP A 152 1.33 13.24 -23.69
CA ASP A 152 1.87 14.60 -23.58
C ASP A 152 2.06 14.90 -22.10
N SER A 153 3.28 14.63 -21.61
CA SER A 153 3.56 14.79 -20.19
C SER A 153 3.45 16.23 -19.72
N ASN A 154 3.50 17.21 -20.62
CA ASN A 154 3.40 18.59 -20.18
C ASN A 154 1.95 19.04 -20.01
N LEU A 155 1.00 18.19 -20.39
CA LEU A 155 -0.41 18.50 -20.23
C LEU A 155 -0.92 18.11 -18.83
N VAL A 156 -0.44 17.00 -18.27
CA VAL A 156 -0.79 16.69 -16.88
C VAL A 156 0.37 15.95 -16.22
N GLN A 157 0.75 16.41 -15.03
CA GLN A 157 1.71 15.72 -14.17
C GLN A 157 1.00 15.43 -12.84
N ILE A 158 1.14 14.21 -12.35
CA ILE A 158 0.61 13.83 -11.04
C ILE A 158 1.81 13.67 -10.12
N MET A 159 1.79 14.39 -9.00
CA MET A 159 2.92 14.41 -8.07
C MET A 159 2.40 14.01 -6.70
N LEU A 160 2.53 12.74 -6.35
CA LEU A 160 2.18 12.23 -5.02
C LEU A 160 3.26 12.61 -4.01
N ASN A 161 2.98 12.34 -2.72
CA ASN A 161 3.90 12.68 -1.64
C ASN A 161 4.27 14.16 -1.65
N SER A 162 3.33 15.01 -2.05
CA SER A 162 3.55 16.45 -2.17
C SER A 162 2.49 17.16 -1.35
N GLU A 163 2.87 17.67 -0.17
CA GLU A 163 1.96 18.31 0.77
C GLU A 163 1.97 19.83 0.58
N VAL A 164 0.85 20.38 0.13
CA VAL A 164 0.72 21.83 0.01
C VAL A 164 0.70 22.43 1.41
N VAL A 165 1.47 23.50 1.61
CA VAL A 165 1.47 24.18 2.90
C VAL A 165 1.02 25.63 2.84
N ASP A 166 1.01 26.25 1.66
CA ASP A 166 0.54 27.62 1.52
C ASP A 166 0.36 27.96 0.04
N ILE A 167 -0.25 29.12 -0.21
CA ILE A 167 -0.37 29.73 -1.52
C ILE A 167 0.37 31.06 -1.44
N GLU A 168 1.26 31.31 -2.39
CA GLU A 168 1.88 32.63 -2.41
C GLU A 168 1.08 33.55 -3.33
N LEU A 169 0.79 34.75 -2.83
CA LEU A 169 0.09 35.77 -3.59
C LEU A 169 1.02 36.95 -3.85
N ASP A 170 0.75 37.71 -4.91
CA ASP A 170 1.58 38.88 -5.20
C ASP A 170 1.07 40.07 -4.40
N ASN A 171 1.66 41.25 -4.64
CA ASN A 171 1.43 42.43 -3.81
C ASN A 171 -0.06 42.70 -3.59
N GLN A 172 -0.87 42.48 -4.62
CA GLN A 172 -2.33 42.45 -4.49
C GLN A 172 -3.00 41.94 -5.74
N GLY A 173 -3.73 40.83 -5.62
CA GLY A 173 -3.69 39.95 -4.46
C GLY A 173 -3.80 38.56 -5.06
N HIS A 174 -3.15 38.41 -6.21
CA HIS A 174 -3.32 37.32 -7.15
C HIS A 174 -2.35 36.18 -6.88
N VAL A 175 -2.77 34.97 -7.30
CA VAL A 175 -1.95 33.77 -7.13
C VAL A 175 -0.72 33.85 -8.02
N THR A 176 0.45 33.55 -7.45
CA THR A 176 1.66 33.35 -8.22
C THR A 176 2.28 31.96 -8.05
N GLY A 177 1.95 31.23 -6.99
CA GLY A 177 2.48 29.90 -6.85
C GLY A 177 1.84 29.17 -5.69
N VAL A 178 2.18 27.89 -5.60
CA VAL A 178 1.71 27.03 -4.52
C VAL A 178 2.96 26.46 -3.82
N VAL A 179 3.02 26.62 -2.51
CA VAL A 179 4.16 26.13 -1.74
C VAL A 179 3.85 24.72 -1.24
N TYR A 180 4.76 23.79 -1.48
CA TYR A 180 4.57 22.40 -1.09
C TYR A 180 5.89 21.82 -0.64
N MET A 181 5.81 20.79 0.19
CA MET A 181 6.95 20.00 0.62
C MET A 181 7.01 18.74 -0.23
N ASP A 182 8.16 18.44 -0.80
CA ASP A 182 8.25 17.26 -1.67
C ASP A 182 8.42 15.98 -0.86
N GLU A 183 8.71 14.87 -1.54
CA GLU A 183 8.76 13.57 -0.88
C GLU A 183 9.90 13.49 0.11
N ASN A 184 10.95 14.28 -0.12
CA ASN A 184 12.12 14.33 0.75
C ASN A 184 11.98 15.39 1.81
N GLY A 185 10.82 16.03 1.93
CA GLY A 185 10.66 17.08 2.92
C GLY A 185 11.24 18.42 2.56
N ASN A 186 11.60 18.63 1.30
CA ASN A 186 12.16 19.91 0.84
C ASN A 186 11.04 20.84 0.38
N ARG A 187 11.16 22.11 0.76
CA ARG A 187 10.18 23.09 0.36
C ARG A 187 10.33 23.41 -1.12
N LYS A 188 9.22 23.37 -1.85
CA LYS A 188 9.23 23.60 -3.29
C LYS A 188 8.15 24.61 -3.64
N ILE A 189 8.28 25.24 -4.79
CA ILE A 189 7.28 26.18 -5.28
C ILE A 189 6.89 25.78 -6.69
N MET A 190 5.59 25.63 -6.92
CA MET A 190 5.03 25.41 -8.25
C MET A 190 4.42 26.72 -8.72
N LYS A 191 5.03 27.34 -9.74
CA LYS A 191 4.51 28.60 -10.25
C LYS A 191 3.20 28.36 -10.99
N SER A 192 2.21 29.18 -10.67
CA SER A 192 0.85 29.00 -11.19
C SER A 192 0.05 30.25 -10.89
N HIS A 193 -0.99 30.48 -11.67
CA HIS A 193 -1.94 31.55 -11.43
C HIS A 193 -3.31 31.05 -11.01
N HIS A 194 -3.50 29.72 -10.91
CA HIS A 194 -4.82 29.16 -10.61
C HIS A 194 -4.65 27.92 -9.76
N VAL A 195 -5.41 27.84 -8.66
CA VAL A 195 -5.36 26.70 -7.75
C VAL A 195 -6.77 26.29 -7.33
N VAL A 196 -7.04 24.99 -7.34
CA VAL A 196 -8.29 24.43 -6.85
C VAL A 196 -7.99 23.56 -5.63
N PHE A 197 -8.45 23.97 -4.46
CA PHE A 197 -8.36 23.15 -3.24
C PHE A 197 -9.42 22.05 -3.30
N CYS A 198 -8.98 20.80 -3.42
CA CYS A 198 -9.83 19.60 -3.37
C CYS A 198 -9.29 18.63 -2.33
N SER A 199 -8.90 19.14 -1.16
CA SER A 199 -8.07 18.45 -0.18
C SER A 199 -8.83 17.69 0.89
N GLY A 200 -10.17 17.63 0.85
CA GLY A 200 -10.92 16.78 1.76
C GLY A 200 -11.33 17.43 3.07
N GLY A 201 -11.85 16.60 3.98
CA GLY A 201 -12.41 17.06 5.24
C GLY A 201 -11.40 17.15 6.36
N PHE A 202 -11.90 17.21 7.61
CA PHE A 202 -10.99 17.25 8.76
C PHE A 202 -11.34 16.22 9.84
N GLY A 203 -12.18 15.23 9.50
CA GLY A 203 -12.67 14.28 10.47
C GLY A 203 -11.63 13.45 11.18
N TYR A 204 -10.43 13.29 10.58
CA TYR A 204 -9.41 12.50 11.28
C TYR A 204 -8.69 13.28 12.38
N SER A 205 -8.68 14.60 12.31
CA SER A 205 -7.86 15.40 13.22
C SER A 205 -8.55 15.56 14.58
N LYS A 206 -8.00 14.91 15.60
CA LYS A 206 -8.50 15.11 16.96
C LYS A 206 -8.36 16.56 17.39
N GLU A 207 -7.24 17.20 16.99
CA GLU A 207 -7.01 18.60 17.35
C GLU A 207 -8.10 19.53 16.79
N MET A 208 -8.54 19.28 15.56
CA MET A 208 -9.58 20.15 15.04
C MET A 208 -10.97 19.77 15.52
N LEU A 209 -11.22 18.48 15.81
CA LEU A 209 -12.47 18.11 16.46
C LEU A 209 -12.60 18.78 17.83
N LYS A 210 -11.51 18.78 18.61
CA LYS A 210 -11.55 19.44 19.90
C LYS A 210 -11.95 20.90 19.76
N GLU A 211 -11.56 21.54 18.66
CA GLU A 211 -11.88 22.95 18.48
C GLU A 211 -13.33 23.15 18.04
N TYR A 212 -13.78 22.39 17.04
CA TYR A 212 -15.06 22.65 16.40
C TYR A 212 -16.21 21.76 16.87
N SER A 213 -15.95 20.57 17.39
CA SER A 213 -17.01 19.72 17.95
C SER A 213 -16.38 18.81 19.00
N PRO A 214 -16.06 19.35 20.17
CA PRO A 214 -15.26 18.60 21.14
C PRO A 214 -15.90 17.34 21.69
N ASN A 215 -17.23 17.22 21.65
CA ASN A 215 -17.86 16.01 22.18
C ASN A 215 -17.47 14.75 21.40
N LEU A 216 -16.86 14.89 20.23
CA LEU A 216 -16.64 13.74 19.35
C LEU A 216 -15.21 13.23 19.37
N ILE A 217 -14.38 13.71 20.29
CA ILE A 217 -12.95 13.45 20.22
C ILE A 217 -12.56 12.03 20.58
N HIS A 218 -13.43 11.27 21.26
CA HIS A 218 -13.11 9.89 21.63
C HIS A 218 -13.71 8.87 20.69
N LEU A 219 -14.63 9.30 19.81
CA LEU A 219 -15.19 8.42 18.81
C LEU A 219 -14.12 7.91 17.86
N PRO A 220 -14.30 6.71 17.31
CA PRO A 220 -13.47 6.28 16.18
C PRO A 220 -13.95 6.95 14.89
N THR A 221 -13.18 6.75 13.81
CA THR A 221 -13.44 7.40 12.53
C THR A 221 -13.33 6.40 11.37
N THR A 222 -14.00 6.72 10.26
CA THR A 222 -13.80 6.02 8.99
C THR A 222 -12.70 6.65 8.14
N ASN A 223 -12.22 7.83 8.51
CA ASN A 223 -11.42 8.67 7.62
C ASN A 223 -9.96 8.23 7.58
N GLY A 224 -9.35 8.35 6.41
CA GLY A 224 -7.93 8.11 6.30
C GLY A 224 -7.13 9.12 7.10
N LYS A 225 -5.90 8.74 7.46
CA LYS A 225 -5.06 9.58 8.30
C LYS A 225 -4.63 10.88 7.62
N GLN A 226 -4.78 10.99 6.29
CA GLN A 226 -4.49 12.22 5.57
C GLN A 226 -5.56 13.28 5.78
N THR A 227 -6.70 12.93 6.39
CA THR A 227 -7.89 13.79 6.46
C THR A 227 -7.80 14.76 7.64
N THR A 228 -6.92 15.76 7.50
CA THR A 228 -6.51 16.58 8.64
C THR A 228 -6.85 18.07 8.49
N GLY A 229 -7.73 18.42 7.56
CA GLY A 229 -8.17 19.81 7.49
C GLY A 229 -7.12 20.80 7.02
N ASP A 230 -6.13 20.35 6.23
CA ASP A 230 -5.04 21.23 5.80
C ASP A 230 -5.56 22.41 5.01
N GLY A 231 -6.41 22.15 4.01
CA GLY A 231 -6.89 23.23 3.16
C GLY A 231 -7.70 24.25 3.94
N GLN A 232 -8.49 23.77 4.90
CA GLN A 232 -9.31 24.68 5.71
C GLN A 232 -8.44 25.64 6.50
N LYS A 233 -7.35 25.15 7.08
CA LYS A 233 -6.46 26.00 7.86
C LYS A 233 -5.67 26.96 6.96
N ILE A 234 -5.17 26.47 5.83
CA ILE A 234 -4.41 27.33 4.91
C ILE A 234 -5.27 28.49 4.43
N LEU A 235 -6.48 28.18 3.96
CA LEU A 235 -7.33 29.25 3.41
C LEU A 235 -7.82 30.20 4.50
N SER A 236 -8.04 29.70 5.71
CA SER A 236 -8.43 30.58 6.81
C SER A 236 -7.34 31.59 7.13
N LYS A 237 -6.07 31.15 7.13
CA LYS A 237 -4.96 32.07 7.42
C LYS A 237 -4.82 33.12 6.32
N LEU A 238 -5.09 32.74 5.07
CA LEU A 238 -5.04 33.64 3.92
C LEU A 238 -6.20 34.61 3.87
N GLY A 239 -7.18 34.47 4.76
CA GLY A 239 -8.29 35.39 4.83
C GLY A 239 -9.63 34.89 4.36
N ALA A 240 -9.83 33.57 4.29
CA ALA A 240 -11.07 33.01 3.78
C ALA A 240 -12.08 32.79 4.89
N GLU A 241 -13.35 32.85 4.52
CA GLU A 241 -14.44 32.56 5.43
C GLU A 241 -14.62 31.06 5.57
N LEU A 242 -14.70 30.56 6.81
CA LEU A 242 -15.13 29.19 7.09
C LEU A 242 -16.56 29.19 7.64
N ILE A 243 -17.35 28.19 7.25
CA ILE A 243 -18.75 28.11 7.65
C ILE A 243 -19.08 26.69 8.07
N ASP A 244 -19.99 26.56 9.03
CA ASP A 244 -20.58 25.31 9.52
C ASP A 244 -19.56 24.31 10.04
N MET A 245 -18.39 24.79 10.49
CA MET A 245 -17.34 23.87 10.92
C MET A 245 -17.80 22.97 12.07
N ASP A 246 -18.78 23.39 12.87
CA ASP A 246 -19.22 22.61 14.01
C ASP A 246 -20.27 21.56 13.64
N GLN A 247 -20.66 21.47 12.37
CA GLN A 247 -21.55 20.41 11.88
C GLN A 247 -20.67 19.26 11.40
N VAL A 248 -20.48 18.27 12.25
CA VAL A 248 -19.69 17.08 11.94
C VAL A 248 -20.64 15.90 11.85
N GLN A 249 -20.51 15.11 10.79
CA GLN A 249 -21.41 13.97 10.62
C GLN A 249 -20.82 12.74 11.30
N VAL A 250 -21.54 12.22 12.26
CA VAL A 250 -21.25 10.91 12.85
C VAL A 250 -22.12 9.89 12.14
N HIS A 251 -21.47 8.99 11.43
CA HIS A 251 -22.16 7.93 10.70
C HIS A 251 -22.53 6.83 11.68
N PRO A 252 -23.76 6.32 11.63
CA PRO A 252 -24.21 5.38 12.67
C PRO A 252 -23.56 4.00 12.59
N THR A 253 -23.10 3.55 11.41
CA THR A 253 -22.75 2.13 11.22
C THR A 253 -21.31 1.98 10.68
N GLY A 254 -20.32 2.26 11.52
CA GLY A 254 -18.96 1.80 11.22
C GLY A 254 -18.78 0.38 11.75
N PHE A 255 -18.05 -0.44 10.99
CA PHE A 255 -17.86 -1.84 11.39
C PHE A 255 -16.91 -1.94 12.59
N ILE A 256 -17.25 -2.82 13.52
CA ILE A 256 -16.30 -3.25 14.54
C ILE A 256 -15.56 -4.50 14.03
N ASP A 257 -14.25 -4.43 14.01
CA ASP A 257 -13.44 -5.58 13.68
C ASP A 257 -13.31 -6.46 14.92
N PRO A 258 -13.81 -7.70 14.89
CA PRO A 258 -13.83 -8.50 16.13
C PRO A 258 -12.44 -8.85 16.66
N ASN A 259 -11.41 -8.81 15.81
CA ASN A 259 -10.01 -9.00 16.23
C ASN A 259 -9.25 -7.69 16.41
N ASP A 260 -9.94 -6.56 16.41
CA ASP A 260 -9.32 -5.25 16.61
C ASP A 260 -10.40 -4.28 17.06
N ARG A 261 -11.07 -4.60 18.17
CA ARG A 261 -12.32 -3.94 18.50
C ARG A 261 -12.15 -2.46 18.82
N GLU A 262 -10.97 -2.04 19.30
CA GLU A 262 -10.77 -0.65 19.73
C GLU A 262 -9.88 0.16 18.79
N ASN A 263 -9.64 -0.31 17.56
CA ASN A 263 -9.00 0.54 16.55
C ASN A 263 -9.78 1.84 16.41
N ASN A 264 -9.06 2.97 16.42
CA ASN A 264 -9.67 4.26 16.14
C ASN A 264 -10.19 4.35 14.70
N TRP A 265 -9.67 3.53 13.81
CA TRP A 265 -10.13 3.52 12.42
C TRP A 265 -11.04 2.31 12.18
N LYS A 266 -12.16 2.53 11.49
CA LYS A 266 -13.09 1.46 11.14
C LYS A 266 -13.30 1.40 9.63
N PHE A 267 -13.38 0.17 9.10
CA PHE A 267 -14.13 -0.09 7.89
C PHE A 267 -15.56 0.41 8.05
N LEU A 268 -16.11 0.98 6.98
CA LEU A 268 -17.49 1.46 7.03
C LEU A 268 -18.46 0.36 6.62
N ALA A 269 -19.59 0.26 7.35
CA ALA A 269 -20.72 -0.56 6.90
C ALA A 269 -21.63 0.34 6.07
N ALA A 270 -21.55 0.21 4.73
CA ALA A 270 -22.21 1.13 3.80
C ALA A 270 -23.68 1.29 4.14
N GLU A 271 -24.17 2.53 4.02
CA GLU A 271 -25.59 2.80 4.20
C GLU A 271 -26.43 2.03 3.19
N ALA A 272 -25.88 1.71 2.01
CA ALA A 272 -26.60 0.83 1.07
C ALA A 272 -27.00 -0.50 1.71
N LEU A 273 -26.25 -0.99 2.71
CA LEU A 273 -26.62 -2.25 3.37
C LEU A 273 -27.99 -2.14 4.01
N ARG A 274 -28.32 -0.98 4.58
CA ARG A 274 -29.65 -0.78 5.17
C ARG A 274 -30.69 -0.47 4.11
N GLY A 275 -30.38 0.42 3.16
CA GLY A 275 -31.36 0.73 2.14
C GLY A 275 -31.74 -0.46 1.30
N LEU A 276 -30.80 -1.37 1.07
CA LEU A 276 -31.09 -2.56 0.28
C LEU A 276 -31.73 -3.66 1.09
N GLY A 277 -31.99 -3.42 2.38
CA GLY A 277 -32.82 -4.31 3.17
C GLY A 277 -32.33 -4.63 4.57
N GLY A 278 -31.14 -4.18 4.94
CA GLY A 278 -30.63 -4.48 6.27
C GLY A 278 -31.40 -3.81 7.39
N ILE A 279 -31.41 -4.46 8.55
CA ILE A 279 -32.04 -3.94 9.77
C ILE A 279 -30.99 -3.88 10.88
N LEU A 280 -31.35 -3.22 11.99
CA LEU A 280 -30.52 -3.10 13.17
C LEU A 280 -31.18 -3.72 14.41
N LEU A 281 -30.42 -4.57 15.11
CA LEU A 281 -30.87 -5.18 16.37
C LEU A 281 -30.12 -4.58 17.54
N HIS A 282 -30.82 -4.38 18.64
CA HIS A 282 -30.18 -4.02 19.90
C HIS A 282 -29.24 -5.14 20.33
N PRO A 283 -28.03 -4.81 20.81
CA PRO A 283 -27.04 -5.87 21.07
C PRO A 283 -27.28 -6.68 22.35
N THR A 284 -28.21 -6.29 23.22
CA THR A 284 -28.55 -7.15 24.36
C THR A 284 -29.88 -7.85 24.15
N THR A 285 -30.93 -7.10 23.80
CA THR A 285 -32.27 -7.69 23.69
C THR A 285 -32.46 -8.46 22.39
N GLY A 286 -31.72 -8.12 21.35
CA GLY A 286 -31.92 -8.75 20.07
C GLY A 286 -33.17 -8.33 19.34
N ARG A 287 -33.72 -7.16 19.64
CA ARG A 287 -34.90 -6.67 18.95
C ARG A 287 -34.57 -5.39 18.18
N ARG A 288 -35.35 -5.12 17.13
CA ARG A 288 -35.21 -3.85 16.43
C ARG A 288 -35.55 -2.70 17.38
N PHE A 289 -34.89 -1.57 17.18
CA PHE A 289 -35.04 -0.46 18.10
C PHE A 289 -35.18 0.90 17.41
N THR A 290 -35.05 0.97 16.09
CA THR A 290 -35.12 2.28 15.44
C THR A 290 -35.40 2.12 13.97
N ASN A 291 -35.81 3.24 13.37
CA ASN A 291 -35.92 3.35 11.92
C ASN A 291 -34.52 3.43 11.33
N GLU A 292 -34.11 2.37 10.64
CA GLU A 292 -32.78 2.28 10.05
C GLU A 292 -32.59 3.20 8.83
N LEU A 293 -33.68 3.67 8.21
CA LEU A 293 -33.59 4.46 6.99
C LEU A 293 -33.91 5.94 7.21
N SER A 294 -33.67 6.43 8.42
CA SER A 294 -33.69 7.86 8.69
C SER A 294 -32.32 8.46 8.32
N THR A 295 -32.17 9.78 8.45
CA THR A 295 -30.89 10.40 8.14
C THR A 295 -29.85 9.99 9.19
N ALA A 296 -28.58 10.19 8.84
CA ALA A 296 -27.48 9.65 9.64
C ALA A 296 -27.44 10.26 11.03
N ASP A 297 -27.73 11.55 11.16
CA ASP A 297 -27.68 12.14 12.48
C ASP A 297 -28.76 11.54 13.39
N THR A 298 -29.91 11.18 12.82
CA THR A 298 -31.00 10.64 13.62
C THR A 298 -30.70 9.21 14.05
N VAL A 299 -30.25 8.37 13.12
CA VAL A 299 -29.91 7.00 13.46
C VAL A 299 -28.83 6.97 14.53
N THR A 300 -27.77 7.78 14.34
CA THR A 300 -26.72 7.87 15.36
C THR A 300 -27.30 8.28 16.72
N MET A 301 -28.21 9.25 16.72
CA MET A 301 -28.79 9.70 17.98
C MET A 301 -29.60 8.59 18.64
N GLU A 302 -30.34 7.81 17.84
CA GLU A 302 -31.10 6.68 18.35
C GLU A 302 -30.20 5.59 18.91
N ILE A 303 -29.11 5.26 18.21
CA ILE A 303 -28.18 4.25 18.73
C ILE A 303 -27.53 4.73 20.02
N GLN A 304 -27.09 5.99 20.04
CA GLN A 304 -26.35 6.47 21.21
C GLN A 304 -27.26 6.59 22.43
N SER A 305 -28.57 6.68 22.25
CA SER A 305 -29.50 6.71 23.37
C SER A 305 -30.04 5.32 23.72
N LYS A 306 -30.44 4.52 22.72
CA LYS A 306 -31.14 3.26 22.98
C LYS A 306 -30.21 2.07 23.15
N CYS A 307 -29.04 2.09 22.55
CA CYS A 307 -28.11 1.00 22.80
C CYS A 307 -27.26 1.30 24.04
N PRO A 308 -26.61 0.30 24.63
CA PRO A 308 -25.96 0.50 25.94
C PRO A 308 -24.95 1.65 25.93
N LYS A 309 -24.98 2.45 27.00
CA LYS A 309 -24.09 3.61 27.08
C LYS A 309 -22.63 3.18 27.01
N ASN A 310 -22.25 2.19 27.80
CA ASN A 310 -21.02 1.45 27.60
C ASN A 310 -21.33 0.28 26.68
N ASP A 311 -20.46 0.06 25.69
CA ASP A 311 -20.69 -0.92 24.62
C ASP A 311 -21.77 -0.41 23.65
N ASN A 312 -21.57 0.80 23.14
CA ASN A 312 -22.58 1.45 22.31
C ASN A 312 -22.41 0.98 20.87
N ARG A 313 -23.07 -0.13 20.56
CA ARG A 313 -23.01 -0.74 19.24
C ARG A 313 -24.36 -1.37 18.93
N ALA A 314 -24.46 -1.94 17.73
CA ALA A 314 -25.66 -2.62 17.28
C ALA A 314 -25.27 -3.68 16.27
N LEU A 315 -26.19 -4.62 16.06
CA LEU A 315 -26.02 -5.70 15.10
C LEU A 315 -26.71 -5.29 13.81
N LEU A 316 -25.97 -5.23 12.71
CA LEU A 316 -26.55 -5.01 11.39
C LEU A 316 -26.86 -6.39 10.79
N VAL A 317 -28.14 -6.66 10.52
CA VAL A 317 -28.60 -7.99 10.10
C VAL A 317 -29.19 -7.89 8.71
N MET A 318 -28.78 -8.80 7.82
CA MET A 318 -29.14 -8.75 6.41
C MET A 318 -29.57 -10.13 5.93
N SER A 319 -30.63 -10.16 5.12
CA SER A 319 -31.21 -11.40 4.62
C SER A 319 -30.43 -11.93 3.42
N ASP A 320 -30.78 -13.14 2.99
CA ASP A 320 -30.25 -13.68 1.74
C ASP A 320 -30.59 -12.78 0.56
N LYS A 321 -31.78 -12.18 0.56
CA LYS A 321 -32.17 -11.31 -0.55
C LYS A 321 -31.30 -10.05 -0.62
N VAL A 322 -30.92 -9.52 0.55
CA VAL A 322 -29.94 -8.43 0.56
C VAL A 322 -28.65 -8.90 -0.08
N TYR A 323 -28.18 -10.08 0.33
CA TYR A 323 -26.91 -10.63 -0.16
C TYR A 323 -26.90 -10.75 -1.68
N GLU A 324 -28.02 -11.18 -2.27
CA GLU A 324 -28.03 -11.40 -3.71
C GLU A 324 -28.01 -10.11 -4.51
N ASN A 325 -28.26 -8.97 -3.88
CA ASN A 325 -28.25 -7.67 -4.55
C ASN A 325 -27.06 -6.80 -4.15
N TYR A 326 -26.17 -7.33 -3.32
CA TYR A 326 -24.98 -6.61 -2.88
C TYR A 326 -23.85 -7.62 -2.65
N THR A 327 -23.72 -8.57 -3.58
CA THR A 327 -22.93 -9.78 -3.34
C THR A 327 -21.46 -9.46 -3.16
N ASN A 328 -20.86 -8.69 -4.08
CA ASN A 328 -19.41 -8.54 -4.03
C ASN A 328 -18.97 -7.72 -2.82
N ASN A 329 -19.75 -6.70 -2.44
CA ASN A 329 -19.40 -5.94 -1.24
C ASN A 329 -19.48 -6.79 0.01
N ILE A 330 -20.53 -7.62 0.13
CA ILE A 330 -20.65 -8.41 1.34
C ILE A 330 -19.57 -9.48 1.40
N ASN A 331 -19.24 -10.10 0.26
CA ASN A 331 -18.09 -11.00 0.21
C ASN A 331 -16.83 -10.29 0.69
N PHE A 332 -16.63 -9.04 0.29
CA PHE A 332 -15.46 -8.31 0.79
C PHE A 332 -15.53 -8.14 2.30
N TYR A 333 -16.68 -7.66 2.81
CA TYR A 333 -16.82 -7.48 4.24
C TYR A 333 -16.55 -8.77 5.00
N MET A 334 -17.03 -9.89 4.48
CA MET A 334 -16.77 -11.18 5.13
C MET A 334 -15.30 -11.55 5.06
N SER A 335 -14.60 -11.15 3.99
CA SER A 335 -13.17 -11.49 3.92
C SER A 335 -12.38 -10.79 5.01
N LYS A 336 -12.88 -9.67 5.53
CA LYS A 336 -12.25 -8.97 6.64
C LYS A 336 -12.86 -9.36 7.98
N ASN A 337 -13.66 -10.43 8.03
CA ASN A 337 -14.30 -10.94 9.24
C ASN A 337 -15.30 -9.94 9.82
N LEU A 338 -15.79 -9.00 9.03
CA LEU A 338 -16.70 -7.99 9.53
C LEU A 338 -18.15 -8.42 9.48
N ILE A 339 -18.49 -9.36 8.60
CA ILE A 339 -19.83 -9.90 8.49
C ILE A 339 -19.72 -11.40 8.60
N LYS A 340 -20.65 -12.01 9.34
CA LYS A 340 -20.64 -13.45 9.53
C LYS A 340 -21.97 -14.03 9.09
N LYS A 341 -21.90 -15.20 8.45
CA LYS A 341 -23.08 -15.95 8.03
C LYS A 341 -23.37 -16.98 9.11
N VAL A 342 -24.53 -16.85 9.74
CA VAL A 342 -24.78 -17.61 10.96
C VAL A 342 -26.26 -17.97 11.00
N SER A 343 -26.56 -19.18 11.49
CA SER A 343 -27.95 -19.54 11.71
C SER A 343 -28.52 -18.69 12.82
N ILE A 344 -29.84 -18.64 12.92
CA ILE A 344 -30.46 -17.80 13.94
C ILE A 344 -30.22 -18.38 15.33
N ASN A 345 -30.22 -19.72 15.46
CA ASN A 345 -29.89 -20.31 16.75
C ASN A 345 -28.49 -19.91 17.19
N ASP A 346 -27.53 -19.92 16.26
CA ASP A 346 -26.17 -19.53 16.59
C ASP A 346 -26.04 -18.02 16.74
N LEU A 347 -26.84 -17.25 16.01
CA LEU A 347 -26.88 -15.80 16.22
C LEU A 347 -27.12 -15.44 17.68
N ILE A 348 -28.07 -16.14 18.33
CA ILE A 348 -28.40 -15.85 19.72
C ILE A 348 -27.19 -16.02 20.63
N ARG A 349 -26.42 -17.08 20.43
CA ARG A 349 -25.39 -17.43 21.42
C ARG A 349 -24.07 -16.71 21.19
N GLN A 350 -23.65 -16.56 19.94
CA GLN A 350 -22.40 -15.86 19.70
C GLN A 350 -22.49 -14.39 20.05
N TYR A 351 -23.70 -13.84 20.15
CA TYR A 351 -23.90 -12.45 20.52
C TYR A 351 -24.61 -12.30 21.87
N ASP A 352 -24.84 -13.41 22.58
CA ASP A 352 -25.33 -13.37 23.96
C ASP A 352 -26.57 -12.49 24.08
N LEU A 353 -27.55 -12.74 23.22
CA LEU A 353 -28.80 -12.01 23.20
C LEU A 353 -29.78 -12.57 24.23
N GLN A 354 -30.75 -11.73 24.60
CA GLN A 354 -31.82 -12.10 25.53
C GLN A 354 -33.01 -12.74 24.83
N THR A 355 -33.28 -12.35 23.59
CA THR A 355 -34.37 -12.96 22.84
C THR A 355 -34.06 -14.44 22.63
N THR A 356 -35.11 -15.25 22.48
CA THR A 356 -34.91 -16.62 22.05
C THR A 356 -34.91 -16.66 20.53
N ALA A 357 -34.40 -17.76 19.98
CA ALA A 357 -34.39 -17.91 18.53
C ALA A 357 -35.81 -17.82 17.99
N SER A 358 -36.72 -18.56 18.60
CA SER A 358 -38.10 -18.54 18.13
C SER A 358 -38.71 -17.15 18.25
N GLU A 359 -38.34 -16.41 19.30
CA GLU A 359 -38.80 -15.02 19.43
C GLU A 359 -38.22 -14.12 18.33
N LEU A 360 -36.94 -14.31 17.98
CA LEU A 360 -36.39 -13.47 16.91
C LEU A 360 -37.04 -13.79 15.56
N VAL A 361 -37.24 -15.08 15.28
CA VAL A 361 -37.98 -15.48 14.07
C VAL A 361 -39.32 -14.75 14.00
N THR A 362 -40.07 -14.74 15.12
CA THR A 362 -41.37 -14.08 15.12
C THR A 362 -41.24 -12.59 14.81
N GLU A 363 -40.20 -11.94 15.33
CA GLU A 363 -39.98 -10.53 15.04
C GLU A 363 -39.64 -10.30 13.58
N LEU A 364 -38.75 -11.12 13.02
CA LEU A 364 -38.34 -10.95 11.63
C LEU A 364 -39.48 -11.21 10.66
N LYS A 365 -40.35 -12.18 10.97
CA LYS A 365 -41.51 -12.44 10.12
C LYS A 365 -42.47 -11.27 10.17
N SER A 366 -42.61 -10.65 11.34
CA SER A 366 -43.46 -9.48 11.45
C SER A 366 -42.85 -8.29 10.72
N TYR A 367 -41.53 -8.07 10.89
CA TYR A 367 -40.87 -7.00 10.16
C TYR A 367 -41.11 -7.12 8.67
N SER A 368 -40.98 -8.32 8.12
CA SER A 368 -41.02 -8.55 6.68
C SER A 368 -42.44 -8.57 6.12
N ASP A 369 -43.45 -8.56 6.99
CA ASP A 369 -44.84 -8.51 6.55
C ASP A 369 -45.17 -7.07 6.20
N VAL A 370 -45.08 -6.74 4.92
CA VAL A 370 -45.31 -5.35 4.47
C VAL A 370 -46.75 -4.91 4.68
N ASN A 371 -47.66 -5.84 4.97
CA ASN A 371 -49.04 -5.52 5.21
C ASN A 371 -49.32 -5.16 6.66
N THR A 372 -48.35 -5.38 7.57
CA THR A 372 -48.38 -4.89 8.94
C THR A 372 -47.55 -3.62 9.09
N LYS A 373 -48.10 -2.63 9.78
CA LYS A 373 -47.38 -1.38 9.99
C LYS A 373 -46.07 -1.62 10.71
N ASP A 374 -45.00 -1.05 10.18
CA ASP A 374 -43.68 -1.16 10.80
C ASP A 374 -43.66 -0.39 12.12
N THR A 375 -43.13 -1.03 13.16
CA THR A 375 -43.03 -0.44 14.50
C THR A 375 -42.39 0.93 14.45
N PHE A 376 -41.30 1.08 13.68
CA PHE A 376 -40.49 2.27 13.68
C PHE A 376 -40.67 3.11 12.41
N ASP A 377 -41.74 2.85 11.65
CA ASP A 377 -42.16 3.66 10.51
C ASP A 377 -41.18 3.61 9.34
N ARG A 378 -40.47 2.50 9.16
CA ARG A 378 -39.46 2.43 8.12
C ARG A 378 -40.07 2.64 6.73
N PRO A 379 -39.58 3.61 5.94
CA PRO A 379 -40.29 3.99 4.72
C PRO A 379 -40.15 3.00 3.57
N LEU A 380 -39.06 2.24 3.49
CA LEU A 380 -38.86 1.27 2.40
C LEU A 380 -38.40 -0.04 3.00
N ILE A 381 -39.15 -1.11 2.74
CA ILE A 381 -38.80 -2.45 3.21
C ILE A 381 -38.72 -3.35 1.98
N ILE A 382 -37.51 -3.69 1.58
CA ILE A 382 -37.29 -4.61 0.47
C ILE A 382 -36.29 -5.66 0.91
N ASN A 383 -36.23 -6.75 0.15
CA ASN A 383 -35.24 -7.78 0.37
C ASN A 383 -35.25 -8.21 1.84
N ALA A 384 -36.45 -8.36 2.38
CA ALA A 384 -36.61 -8.76 3.78
C ALA A 384 -36.46 -10.26 3.91
N PHE A 385 -36.92 -10.82 5.02
CA PHE A 385 -36.73 -12.22 5.37
C PHE A 385 -37.87 -13.09 4.85
N ASP A 386 -37.53 -14.35 4.56
CA ASP A 386 -38.49 -15.28 3.96
C ASP A 386 -39.63 -15.58 4.91
N LYS A 387 -40.84 -15.64 4.37
CA LYS A 387 -42.03 -15.84 5.20
C LYS A 387 -41.97 -17.13 6.00
N ASP A 388 -41.17 -18.12 5.58
CA ASP A 388 -41.05 -19.35 6.34
C ASP A 388 -39.68 -19.49 6.99
N ILE A 389 -39.05 -18.37 7.35
CA ILE A 389 -37.80 -18.42 8.09
C ILE A 389 -38.02 -19.19 9.39
N SER A 390 -36.98 -19.92 9.81
CA SER A 390 -37.03 -20.74 11.02
C SER A 390 -35.78 -20.46 11.85
N THR A 391 -35.66 -21.13 13.01
CA THR A 391 -34.49 -20.95 13.86
C THR A 391 -33.21 -21.50 13.25
N GLU A 392 -33.29 -22.39 12.26
CA GLU A 392 -32.10 -22.89 11.58
C GLU A 392 -31.75 -22.09 10.32
N SER A 393 -32.55 -21.12 9.92
CA SER A 393 -32.23 -20.33 8.74
C SER A 393 -30.98 -19.46 8.99
N THR A 394 -30.28 -19.12 7.91
CA THR A 394 -29.05 -18.34 8.04
C THR A 394 -29.28 -16.89 7.67
N VAL A 395 -28.59 -15.99 8.37
CA VAL A 395 -28.60 -14.56 8.08
C VAL A 395 -27.16 -14.09 8.14
N TYR A 396 -26.94 -12.86 7.66
CA TYR A 396 -25.63 -12.24 7.65
C TYR A 396 -25.61 -11.12 8.70
N VAL A 397 -24.60 -11.13 9.57
CA VAL A 397 -24.57 -10.25 10.73
C VAL A 397 -23.20 -9.61 10.88
N GLY A 398 -23.18 -8.31 11.19
CA GLY A 398 -21.97 -7.63 11.63
C GLY A 398 -22.25 -6.80 12.86
N GLU A 399 -21.18 -6.39 13.54
CA GLU A 399 -21.27 -5.41 14.62
C GLU A 399 -20.86 -4.03 14.12
N VAL A 400 -21.65 -3.00 14.45
CA VAL A 400 -21.43 -1.64 13.99
C VAL A 400 -21.57 -0.64 15.14
N THR A 401 -20.95 0.53 14.98
CA THR A 401 -20.91 1.53 16.04
C THR A 401 -20.69 2.90 15.39
N PRO A 402 -21.23 3.96 15.98
CA PRO A 402 -21.11 5.30 15.36
C PRO A 402 -19.67 5.79 15.21
N VAL A 403 -19.42 6.54 14.12
CA VAL A 403 -18.08 6.98 13.74
C VAL A 403 -18.12 8.36 13.13
N VAL A 404 -17.14 9.19 13.50
CA VAL A 404 -16.89 10.45 12.80
C VAL A 404 -16.57 10.13 11.34
N HIS A 405 -17.27 10.80 10.42
CA HIS A 405 -17.31 10.37 9.03
C HIS A 405 -17.09 11.48 8.00
N PHE A 406 -17.69 12.66 8.21
CA PHE A 406 -17.75 13.67 7.15
C PHE A 406 -17.92 15.03 7.81
N THR A 407 -17.21 16.04 7.30
CA THR A 407 -17.31 17.38 7.89
C THR A 407 -18.11 18.25 6.93
N MET A 408 -19.33 18.61 7.35
CA MET A 408 -20.18 19.43 6.51
C MET A 408 -19.64 20.84 6.36
N GLY A 409 -18.87 21.31 7.36
CA GLY A 409 -18.30 22.64 7.31
C GLY A 409 -17.07 22.68 6.43
N GLY A 410 -16.58 23.89 6.21
CA GLY A 410 -15.38 24.07 5.39
C GLY A 410 -15.30 25.52 4.91
N VAL A 411 -14.52 25.72 3.84
CA VAL A 411 -14.37 27.07 3.30
C VAL A 411 -15.62 27.48 2.53
N LYS A 412 -16.01 28.74 2.69
CA LYS A 412 -17.15 29.27 1.96
C LYS A 412 -16.81 29.45 0.48
N ILE A 413 -17.69 28.93 -0.38
CA ILE A 413 -17.59 29.02 -1.82
C ILE A 413 -18.89 29.61 -2.37
N ASN A 414 -18.86 30.00 -3.64
CA ASN A 414 -20.03 30.46 -4.35
C ASN A 414 -20.40 29.44 -5.44
N GLU A 415 -21.36 29.82 -6.30
CA GLU A 415 -21.77 28.92 -7.38
C GLU A 415 -20.67 28.71 -8.44
N LYS A 416 -19.69 29.62 -8.53
CA LYS A 416 -18.57 29.36 -9.43
C LYS A 416 -17.46 28.51 -8.77
N SER A 417 -17.69 28.01 -7.55
CA SER A 417 -16.72 27.25 -6.74
C SER A 417 -15.54 28.11 -6.31
N GLN A 418 -15.73 29.43 -6.22
CA GLN A 418 -14.66 30.33 -5.83
C GLN A 418 -14.70 30.54 -4.33
N VAL A 419 -13.53 30.64 -3.71
CA VAL A 419 -13.45 30.77 -2.27
C VAL A 419 -13.84 32.18 -1.86
N ILE A 420 -14.65 32.30 -0.80
CA ILE A 420 -15.21 33.57 -0.37
C ILE A 420 -14.35 34.15 0.74
N LYS A 421 -13.96 35.41 0.56
CA LYS A 421 -13.17 36.14 1.53
C LYS A 421 -13.99 36.40 2.79
N LYS A 422 -13.31 36.49 3.92
CA LYS A 422 -14.00 36.70 5.18
C LYS A 422 -14.87 37.94 5.10
N ASN A 423 -16.06 37.86 5.69
CA ASN A 423 -16.92 39.00 5.87
C ASN A 423 -17.17 39.77 4.55
N SER A 424 -17.27 39.04 3.44
CA SER A 424 -17.43 39.69 2.16
C SER A 424 -18.22 38.78 1.23
N GLU A 425 -18.69 39.35 0.13
CA GLU A 425 -19.19 38.55 -0.98
C GLU A 425 -18.18 38.50 -2.11
N SER A 426 -17.03 39.14 -1.95
CA SER A 426 -16.02 39.12 -2.98
C SER A 426 -15.16 37.88 -2.83
N VAL A 427 -14.71 37.35 -3.98
CA VAL A 427 -13.80 36.22 -3.93
C VAL A 427 -12.50 36.64 -3.25
N LEU A 428 -11.90 35.70 -2.51
CA LEU A 428 -10.60 35.98 -1.91
C LEU A 428 -9.57 36.25 -2.99
N SER A 429 -9.57 35.44 -4.01
CA SER A 429 -8.65 35.67 -5.10
C SER A 429 -9.30 35.15 -6.37
N ASN A 430 -9.07 35.91 -7.42
CA ASN A 430 -9.37 35.62 -8.81
C ASN A 430 -9.07 34.16 -9.15
N GLY A 431 -7.96 33.65 -8.61
CA GLY A 431 -7.48 32.33 -8.98
C GLY A 431 -7.52 31.24 -7.93
N ILE A 432 -8.33 31.38 -6.88
CA ILE A 432 -8.45 30.39 -5.81
C ILE A 432 -9.87 29.81 -5.78
N PHE A 433 -9.97 28.50 -6.04
CA PHE A 433 -11.23 27.76 -6.03
C PHE A 433 -11.15 26.64 -5.01
N ALA A 434 -12.32 26.07 -4.65
CA ALA A 434 -12.36 24.89 -3.80
C ALA A 434 -13.55 24.00 -4.16
N ALA A 435 -13.37 22.69 -4.01
CA ALA A 435 -14.41 21.74 -4.39
C ALA A 435 -14.32 20.48 -3.54
N GLY A 436 -15.47 19.92 -3.22
CA GLY A 436 -15.52 18.69 -2.45
C GLY A 436 -15.64 18.98 -0.97
N GLU A 437 -15.23 17.98 -0.16
CA GLU A 437 -15.45 18.01 1.28
C GLU A 437 -14.70 19.17 1.97
N VAL A 438 -13.66 19.72 1.35
CA VAL A 438 -12.95 20.86 1.93
C VAL A 438 -13.85 22.10 2.06
N SER A 439 -14.94 22.17 1.31
CA SER A 439 -15.80 23.34 1.28
C SER A 439 -16.98 23.16 2.24
N GLY A 440 -17.54 24.30 2.65
CA GLY A 440 -18.72 24.24 3.48
C GLY A 440 -19.98 24.76 2.81
N GLY A 441 -21.14 24.42 3.39
CA GLY A 441 -22.42 25.03 3.06
C GLY A 441 -23.33 24.21 2.17
N VAL A 442 -22.81 23.16 1.53
CA VAL A 442 -23.64 22.44 0.57
C VAL A 442 -24.65 21.56 1.30
N HIS A 443 -24.34 21.11 2.52
CA HIS A 443 -25.17 20.12 3.17
C HIS A 443 -25.82 20.57 4.48
N GLY A 444 -25.32 21.61 5.13
CA GLY A 444 -25.94 22.05 6.36
C GLY A 444 -25.69 21.08 7.52
N ALA A 445 -26.77 20.78 8.26
CA ALA A 445 -26.66 20.01 9.49
C ALA A 445 -26.46 18.52 9.27
N ASN A 446 -26.59 18.04 8.05
CA ASN A 446 -26.47 16.61 7.80
C ASN A 446 -26.32 16.36 6.31
N ARG A 447 -25.37 15.53 5.91
CA ARG A 447 -25.22 15.19 4.50
C ARG A 447 -25.96 13.90 4.17
N LEU A 448 -26.82 13.95 3.17
CA LEU A 448 -27.49 12.76 2.70
C LEU A 448 -26.51 11.79 2.05
N GLY A 449 -26.69 10.50 2.32
CA GLY A 449 -25.85 9.52 1.67
C GLY A 449 -25.87 9.68 0.17
N GLY A 450 -24.70 9.57 -0.47
CA GLY A 450 -24.61 9.68 -1.91
C GLY A 450 -24.36 11.07 -2.44
N SER A 451 -24.38 12.09 -1.59
CA SER A 451 -24.31 13.46 -2.08
C SER A 451 -22.90 14.05 -2.09
N SER A 452 -21.93 13.46 -1.38
CA SER A 452 -20.58 14.01 -1.42
C SER A 452 -19.84 13.66 -2.71
N LEU A 453 -19.89 12.40 -3.17
CA LEU A 453 -19.37 12.08 -4.50
C LEU A 453 -20.01 12.99 -5.56
N LEU A 454 -21.32 13.15 -5.46
CA LEU A 454 -22.03 14.07 -6.35
C LEU A 454 -21.46 15.47 -6.24
N GLU A 455 -21.26 15.96 -5.01
CA GLU A 455 -20.74 17.31 -4.84
C GLU A 455 -19.40 17.46 -5.57
N CYS A 456 -18.56 16.41 -5.53
CA CYS A 456 -17.25 16.45 -6.15
C CYS A 456 -17.33 16.66 -7.65
N VAL A 457 -18.24 15.95 -8.33
CA VAL A 457 -18.37 16.09 -9.77
C VAL A 457 -18.97 17.44 -10.13
N VAL A 458 -20.05 17.82 -9.45
CA VAL A 458 -20.72 19.08 -9.72
C VAL A 458 -19.75 20.25 -9.57
N PHE A 459 -19.08 20.35 -8.43
CA PHE A 459 -18.25 21.54 -8.21
C PHE A 459 -16.83 21.40 -8.73
N GLY A 460 -16.36 20.17 -8.96
CA GLY A 460 -15.12 20.00 -9.70
C GLY A 460 -15.23 20.45 -11.15
N LYS A 461 -16.32 20.07 -11.82
CA LYS A 461 -16.56 20.56 -13.19
C LYS A 461 -16.73 22.07 -13.22
N THR A 462 -17.42 22.62 -12.22
CA THR A 462 -17.70 24.05 -12.17
C THR A 462 -16.43 24.86 -12.05
N ALA A 463 -15.54 24.44 -11.15
CA ALA A 463 -14.26 25.13 -10.99
C ALA A 463 -13.46 25.06 -12.28
N ALA A 464 -13.46 23.90 -12.93
CA ALA A 464 -12.75 23.76 -14.18
C ALA A 464 -13.32 24.68 -15.25
N ASP A 465 -14.66 24.71 -15.35
CA ASP A 465 -15.32 25.54 -16.36
C ASP A 465 -15.04 27.03 -16.14
N ASN A 466 -15.01 27.46 -14.87
CA ASN A 466 -14.80 28.88 -14.60
C ASN A 466 -13.33 29.30 -14.68
N ILE A 467 -12.40 28.39 -14.42
CA ILE A 467 -10.97 28.70 -14.66
C ILE A 467 -10.73 28.92 -16.14
N ALA A 468 -11.41 28.14 -16.99
CA ALA A 468 -11.26 28.27 -18.43
C ALA A 468 -11.67 29.65 -18.93
N LYS A 469 -12.60 30.33 -18.26
CA LYS A 469 -12.97 31.68 -18.63
C LYS A 469 -11.96 32.72 -18.20
N LEU A 470 -10.99 32.33 -17.36
CA LEU A 470 -10.00 33.22 -16.77
C LEU A 470 -8.57 32.85 -17.16
N TYR A 471 -8.35 31.67 -17.72
CA TYR A 471 -7.00 31.24 -18.07
C TYR A 471 -6.43 32.11 -19.19
N ALA B 1 31.34 4.95 -27.09
CA ALA B 1 32.27 5.87 -26.43
C ALA B 1 33.71 5.60 -26.86
N SER B 2 34.49 6.67 -26.96
CA SER B 2 35.93 6.54 -27.10
C SER B 2 36.55 6.32 -25.72
N MET B 3 37.57 5.46 -25.68
CA MET B 3 38.19 5.04 -24.44
C MET B 3 38.93 6.19 -23.75
N LYS B 4 38.55 6.45 -22.49
CA LYS B 4 39.19 7.45 -21.63
C LYS B 4 39.64 6.76 -20.34
N GLN B 5 39.60 7.44 -19.19
CA GLN B 5 39.92 6.77 -17.92
C GLN B 5 38.82 5.78 -17.53
N PRO B 6 39.19 4.68 -16.89
CA PRO B 6 38.18 3.66 -16.55
C PRO B 6 37.14 4.20 -15.58
N VAL B 7 35.96 3.60 -15.63
CA VAL B 7 34.96 3.73 -14.56
C VAL B 7 35.29 2.69 -13.50
N VAL B 8 35.38 3.12 -12.25
CA VAL B 8 35.72 2.21 -11.16
C VAL B 8 34.40 1.77 -10.53
N VAL B 9 34.14 0.48 -10.56
CA VAL B 9 32.97 -0.12 -9.92
C VAL B 9 33.46 -0.86 -8.67
N ILE B 10 32.94 -0.47 -7.52
CA ILE B 10 33.44 -0.94 -6.24
C ILE B 10 32.47 -2.02 -5.80
N GLY B 11 32.85 -3.28 -5.97
CA GLY B 11 31.99 -4.37 -5.49
C GLY B 11 31.55 -5.27 -6.64
N SER B 12 31.76 -6.57 -6.45
CA SER B 12 31.43 -7.57 -7.47
C SER B 12 30.19 -8.40 -7.12
N GLY B 13 29.31 -7.89 -6.25
CA GLY B 13 27.96 -8.44 -6.13
C GLY B 13 27.14 -8.14 -7.38
N LEU B 14 25.83 -8.40 -7.28
CA LEU B 14 24.98 -8.22 -8.47
C LEU B 14 24.95 -6.76 -8.91
N ALA B 15 24.99 -5.81 -7.96
CA ALA B 15 24.98 -4.39 -8.32
C ALA B 15 26.20 -4.02 -9.16
N GLY B 16 27.39 -4.40 -8.70
CA GLY B 16 28.60 -4.11 -9.45
C GLY B 16 28.67 -4.88 -10.76
N LEU B 17 28.21 -6.13 -10.76
CA LEU B 17 28.25 -6.95 -11.97
C LEU B 17 27.31 -6.40 -13.03
N THR B 18 26.14 -5.91 -12.60
CA THR B 18 25.21 -5.30 -13.54
C THR B 18 25.80 -4.02 -14.12
N THR B 19 26.26 -3.11 -13.25
CA THR B 19 26.85 -1.85 -13.70
C THR B 19 27.95 -2.10 -14.73
N SER B 20 28.86 -3.03 -14.44
CA SER B 20 29.99 -3.30 -15.32
C SER B 20 29.53 -3.80 -16.69
N ASN B 21 28.60 -4.76 -16.72
CA ASN B 21 28.20 -5.36 -17.99
C ASN B 21 27.51 -4.35 -18.89
N ARG B 22 26.65 -3.51 -18.32
CA ARG B 22 25.94 -2.49 -19.09
C ARG B 22 26.89 -1.45 -19.68
N LEU B 23 27.90 -1.04 -18.91
CA LEU B 23 28.86 -0.05 -19.39
C LEU B 23 29.66 -0.58 -20.57
N ILE B 24 30.16 -1.80 -20.45
CA ILE B 24 31.04 -2.36 -21.47
C ILE B 24 30.26 -2.75 -22.71
N SER B 25 29.13 -3.46 -22.52
CA SER B 25 28.47 -4.06 -23.67
C SER B 25 27.61 -3.08 -24.45
N LYS B 26 26.99 -2.12 -23.78
CA LYS B 26 26.17 -1.17 -24.51
C LYS B 26 26.98 0.01 -25.03
N TYR B 27 27.99 0.48 -24.29
CA TYR B 27 28.67 1.72 -24.66
C TYR B 27 30.18 1.59 -24.90
N ARG B 28 30.78 0.43 -24.65
CA ARG B 28 32.24 0.25 -24.79
C ARG B 28 33.01 1.17 -23.85
N ILE B 29 32.44 1.48 -22.69
CA ILE B 29 33.09 2.32 -21.70
C ILE B 29 33.94 1.42 -20.80
N PRO B 30 35.24 1.67 -20.66
CA PRO B 30 36.10 0.75 -19.91
C PRO B 30 35.78 0.80 -18.42
N VAL B 31 35.89 -0.37 -17.78
CA VAL B 31 35.56 -0.58 -16.38
C VAL B 31 36.75 -1.21 -15.67
N VAL B 32 37.00 -0.79 -14.43
CA VAL B 32 37.83 -1.49 -13.46
C VAL B 32 36.93 -1.89 -12.31
N LEU B 33 36.87 -3.19 -12.01
CA LEU B 33 35.99 -3.75 -10.97
C LEU B 33 36.83 -4.18 -9.77
N LEU B 34 36.75 -3.42 -8.68
CA LEU B 34 37.49 -3.69 -7.47
C LEU B 34 36.62 -4.40 -6.44
N ASP B 35 37.19 -5.42 -5.79
CA ASP B 35 36.53 -6.07 -4.68
C ASP B 35 37.59 -6.42 -3.64
N LYS B 36 37.28 -6.13 -2.38
CA LYS B 36 38.22 -6.37 -1.30
C LYS B 36 38.28 -7.83 -0.89
N ALA B 37 37.27 -8.62 -1.25
CA ALA B 37 37.28 -10.04 -0.92
C ALA B 37 38.13 -10.82 -1.90
N ALA B 38 38.37 -12.10 -1.59
CA ALA B 38 39.21 -12.94 -2.43
C ALA B 38 38.42 -13.71 -3.49
N SER B 39 37.10 -13.52 -3.56
CA SER B 39 36.32 -14.15 -4.63
C SER B 39 35.19 -13.20 -5.05
N ILE B 40 34.62 -13.48 -6.23
CA ILE B 40 33.57 -12.63 -6.80
C ILE B 40 32.23 -12.99 -6.16
N GLY B 41 31.36 -12.00 -5.96
CA GLY B 41 29.94 -12.24 -5.74
C GLY B 41 29.35 -11.71 -4.45
N GLY B 42 30.15 -11.46 -3.41
CA GLY B 42 29.64 -10.97 -2.14
C GLY B 42 28.50 -11.79 -1.57
N ASN B 43 27.49 -11.10 -1.02
CA ASN B 43 26.28 -11.78 -0.53
C ASN B 43 25.30 -12.12 -1.64
N SER B 44 25.43 -11.47 -2.81
CA SER B 44 24.57 -11.77 -3.96
C SER B 44 24.67 -13.24 -4.36
N ILE B 45 25.90 -13.77 -4.37
CA ILE B 45 26.13 -15.13 -4.85
C ILE B 45 25.50 -16.19 -3.94
N LYS B 46 25.14 -15.84 -2.69
CA LYS B 46 24.51 -16.74 -1.74
C LYS B 46 22.99 -16.75 -1.86
N ALA B 47 22.44 -15.89 -2.72
CA ALA B 47 21.01 -15.71 -2.84
C ALA B 47 20.33 -17.00 -3.25
N SER B 48 19.22 -17.28 -2.58
CA SER B 48 18.52 -18.55 -2.54
C SER B 48 17.10 -18.49 -3.09
N SER B 49 16.36 -17.42 -2.84
CA SER B 49 14.94 -17.35 -3.19
C SER B 49 14.70 -16.86 -4.63
N GLY B 50 15.28 -15.73 -5.01
CA GLY B 50 15.21 -15.27 -6.38
C GLY B 50 15.08 -13.76 -6.48
N ILE B 51 14.65 -13.30 -7.65
CA ILE B 51 14.63 -11.88 -8.01
C ILE B 51 13.24 -11.50 -8.48
N ASN B 52 12.71 -10.39 -7.96
CA ASN B 52 11.33 -10.00 -8.24
C ASN B 52 11.17 -9.29 -9.59
N GLY B 53 10.00 -9.46 -10.17
CA GLY B 53 9.64 -8.78 -11.40
C GLY B 53 8.13 -8.77 -11.51
N ALA B 54 7.56 -7.64 -11.88
CA ALA B 54 6.12 -7.50 -11.98
C ALA B 54 5.72 -7.31 -13.44
N HIS B 55 4.81 -8.17 -13.91
CA HIS B 55 4.37 -8.29 -15.30
C HIS B 55 5.47 -8.80 -16.21
N THR B 56 5.97 -10.00 -15.94
CA THR B 56 7.06 -10.61 -16.69
C THR B 56 6.53 -11.65 -17.67
N ASP B 57 7.42 -12.14 -18.55
CA ASP B 57 7.06 -13.26 -19.41
C ASP B 57 6.78 -14.53 -18.59
N THR B 58 7.57 -14.77 -17.56
CA THR B 58 7.34 -15.93 -16.70
C THR B 58 5.95 -15.87 -16.06
N GLN B 59 5.57 -14.70 -15.54
CA GLN B 59 4.25 -14.58 -14.95
C GLN B 59 3.17 -14.85 -15.99
N GLN B 60 3.35 -14.34 -17.21
CA GLN B 60 2.45 -14.67 -18.30
C GLN B 60 2.38 -16.18 -18.50
N ASN B 61 3.53 -16.85 -18.57
CA ASN B 61 3.57 -18.29 -18.79
C ASN B 61 2.79 -19.06 -17.74
N LEU B 62 2.90 -18.64 -16.47
CA LEU B 62 2.25 -19.32 -15.36
C LEU B 62 0.92 -18.69 -15.00
N LYS B 63 0.42 -17.76 -15.81
CA LYS B 63 -0.90 -17.18 -15.66
C LYS B 63 -1.09 -16.45 -14.33
N VAL B 64 -0.05 -15.83 -13.85
CA VAL B 64 -0.16 -14.93 -12.70
C VAL B 64 -0.35 -13.53 -13.23
N MET B 65 -1.33 -12.81 -12.69
CA MET B 65 -1.55 -11.42 -13.09
C MET B 65 -0.90 -10.49 -12.08
N ASP B 66 -0.04 -9.61 -12.57
CA ASP B 66 0.74 -8.72 -11.72
C ASP B 66 0.96 -7.45 -12.51
N THR B 67 1.10 -6.34 -11.80
CA THR B 67 1.34 -5.05 -12.43
C THR B 67 2.39 -4.30 -11.61
N PRO B 68 3.10 -3.36 -12.24
CA PRO B 68 3.92 -2.43 -11.44
C PRO B 68 3.08 -1.72 -10.39
N GLU B 69 1.82 -1.45 -10.69
CA GLU B 69 0.96 -0.78 -9.72
C GLU B 69 0.74 -1.65 -8.49
N LEU B 70 0.53 -2.96 -8.68
CA LEU B 70 0.35 -3.86 -7.54
C LEU B 70 1.66 -4.04 -6.78
N PHE B 71 2.77 -4.19 -7.52
CA PHE B 71 4.09 -4.34 -6.90
C PHE B 71 4.45 -3.09 -6.08
N LEU B 72 4.21 -1.91 -6.65
CA LEU B 72 4.38 -0.68 -5.88
C LEU B 72 3.54 -0.69 -4.61
N LYS B 73 2.28 -1.16 -4.72
CA LYS B 73 1.40 -1.23 -3.56
C LYS B 73 2.01 -2.08 -2.45
N ASP B 74 2.42 -3.30 -2.78
CA ASP B 74 3.02 -4.18 -1.77
C ASP B 74 4.28 -3.55 -1.22
N THR B 75 5.04 -2.87 -2.08
CA THR B 75 6.28 -2.23 -1.66
C THR B 75 6.01 -1.09 -0.68
N LEU B 76 5.02 -0.26 -0.99
CA LEU B 76 4.68 0.85 -0.09
C LEU B 76 4.18 0.35 1.24
N HIS B 77 3.31 -0.68 1.23
CA HIS B 77 2.78 -1.21 2.47
C HIS B 77 3.91 -1.79 3.31
N SER B 78 4.91 -2.40 2.67
CA SER B 78 6.08 -2.92 3.38
C SER B 78 6.95 -1.81 3.93
N ALA B 79 7.03 -0.68 3.21
CA ALA B 79 7.91 0.42 3.60
C ALA B 79 7.45 1.10 4.89
N LYS B 80 6.15 1.08 5.18
CA LYS B 80 5.59 1.66 6.40
C LYS B 80 6.00 3.13 6.58
N GLY B 81 5.80 3.92 5.53
CA GLY B 81 6.02 5.35 5.57
C GLY B 81 7.47 5.79 5.63
N ARG B 82 8.41 4.87 5.45
CA ARG B 82 9.81 5.24 5.35
C ARG B 82 10.28 5.09 3.91
N GLY B 83 11.50 5.54 3.65
CA GLY B 83 12.06 5.44 2.30
C GLY B 83 11.70 6.62 1.41
N VAL B 84 11.99 6.46 0.12
CA VAL B 84 11.74 7.47 -0.89
C VAL B 84 10.82 6.87 -1.94
N PRO B 85 9.53 7.23 -1.93
CA PRO B 85 8.57 6.57 -2.83
C PRO B 85 8.92 6.63 -4.32
N SER B 86 9.50 7.72 -4.81
CA SER B 86 9.82 7.75 -6.23
C SER B 86 10.83 6.66 -6.60
N LEU B 87 11.68 6.25 -5.67
CA LEU B 87 12.58 5.12 -5.91
C LEU B 87 11.85 3.79 -5.86
N MET B 88 10.81 3.68 -5.03
CA MET B 88 9.96 2.48 -5.07
C MET B 88 9.15 2.41 -6.36
N ASP B 89 8.71 3.56 -6.88
CA ASP B 89 8.03 3.58 -8.17
C ASP B 89 8.97 3.10 -9.27
N LYS B 90 10.19 3.66 -9.30
CA LYS B 90 11.19 3.25 -10.28
C LYS B 90 11.52 1.76 -10.17
N LEU B 91 11.70 1.29 -8.92
CA LEU B 91 12.08 -0.11 -8.71
C LEU B 91 11.03 -1.04 -9.30
N THR B 92 9.76 -0.76 -9.03
CA THR B 92 8.71 -1.68 -9.42
C THR B 92 8.36 -1.52 -10.90
N LYS B 93 8.38 -0.29 -11.40
CA LYS B 93 7.99 -0.07 -12.80
C LYS B 93 9.04 -0.60 -13.76
N GLU B 94 10.30 -0.61 -13.36
CA GLU B 94 11.39 -1.10 -14.20
C GLU B 94 11.71 -2.56 -13.96
N SER B 95 11.00 -3.25 -13.06
CA SER B 95 11.35 -4.63 -12.74
C SER B 95 11.13 -5.56 -13.93
N LYS B 96 10.10 -5.28 -14.74
CA LYS B 96 9.87 -6.08 -15.95
C LYS B 96 11.06 -6.02 -16.88
N SER B 97 11.57 -4.80 -17.13
CA SER B 97 12.77 -4.61 -17.94
C SER B 97 13.98 -5.29 -17.32
N ALA B 98 14.10 -5.25 -15.98
CA ALA B 98 15.20 -5.91 -15.30
C ALA B 98 15.23 -7.42 -15.59
N ILE B 99 14.10 -8.11 -15.45
CA ILE B 99 14.07 -9.54 -15.72
C ILE B 99 14.40 -9.82 -17.19
N ARG B 100 13.75 -9.08 -18.09
CA ARG B 100 13.97 -9.27 -19.52
C ARG B 100 15.44 -9.06 -19.89
N TRP B 101 16.11 -8.11 -19.24
CA TRP B 101 17.52 -7.86 -19.50
C TRP B 101 18.36 -9.10 -19.18
N LEU B 102 18.16 -9.69 -18.00
CA LEU B 102 18.88 -10.91 -17.64
C LEU B 102 18.52 -12.05 -18.57
N GLN B 103 17.25 -12.15 -18.95
CA GLN B 103 16.84 -13.18 -19.88
C GLN B 103 17.52 -13.02 -21.24
N THR B 104 17.34 -11.86 -21.91
CA THR B 104 17.82 -11.72 -23.30
C THR B 104 19.34 -11.58 -23.38
N GLU B 105 19.96 -10.86 -22.44
CA GLU B 105 21.40 -10.64 -22.57
C GLU B 105 22.24 -11.81 -22.07
N PHE B 106 21.70 -12.63 -21.18
CA PHE B 106 22.47 -13.71 -20.58
C PHE B 106 21.79 -15.08 -20.65
N ASP B 107 20.62 -15.18 -21.28
CA ASP B 107 19.91 -16.46 -21.44
C ASP B 107 19.63 -17.12 -20.10
N LEU B 108 19.37 -16.31 -19.09
CA LEU B 108 18.90 -16.83 -17.81
C LEU B 108 17.39 -17.04 -17.93
N LYS B 109 16.94 -18.26 -17.68
CA LYS B 109 15.53 -18.60 -17.93
C LYS B 109 14.61 -17.91 -16.92
N LEU B 110 14.96 -17.97 -15.64
CA LEU B 110 14.13 -17.40 -14.59
C LEU B 110 12.68 -17.80 -14.79
N ASP B 111 12.46 -19.10 -14.96
CA ASP B 111 11.20 -19.63 -15.42
C ASP B 111 10.27 -20.09 -14.31
N LEU B 112 10.74 -20.15 -13.05
CA LEU B 112 9.92 -20.59 -11.92
C LEU B 112 9.56 -19.41 -11.02
N LEU B 113 8.47 -19.56 -10.26
CA LEU B 113 8.07 -18.52 -9.34
C LEU B 113 7.88 -19.07 -7.92
N ALA B 114 7.86 -18.14 -6.97
CA ALA B 114 7.44 -18.40 -5.60
C ALA B 114 6.95 -17.07 -5.04
N GLN B 115 5.96 -17.15 -4.15
CA GLN B 115 5.36 -15.99 -3.51
C GLN B 115 5.90 -15.86 -2.09
N LEU B 116 6.56 -14.74 -1.80
CA LEU B 116 7.20 -14.51 -0.51
C LEU B 116 6.29 -13.67 0.39
N GLY B 117 6.76 -13.41 1.61
CA GLY B 117 5.95 -12.70 2.57
C GLY B 117 5.64 -11.27 2.15
N GLY B 118 4.37 -10.87 2.27
CA GLY B 118 3.98 -9.52 1.94
C GLY B 118 3.77 -9.24 0.46
N HIS B 119 3.85 -10.24 -0.40
CA HIS B 119 3.54 -10.09 -1.82
C HIS B 119 2.10 -10.55 -2.08
N SER B 120 1.38 -9.81 -2.92
CA SER B 120 0.00 -10.17 -3.20
C SER B 120 -0.10 -11.33 -4.20
N VAL B 121 0.89 -11.49 -5.06
CA VAL B 121 0.94 -12.58 -6.04
C VAL B 121 2.38 -13.09 -6.11
N PRO B 122 2.58 -14.27 -6.70
CA PRO B 122 3.96 -14.77 -6.86
C PRO B 122 4.72 -13.97 -7.91
N ARG B 123 5.87 -13.42 -7.51
CA ARG B 123 6.66 -12.64 -8.44
C ARG B 123 8.16 -12.79 -8.23
N THR B 124 8.59 -13.68 -7.32
CA THR B 124 10.00 -13.95 -7.10
C THR B 124 10.46 -15.07 -8.04
N HIS B 125 11.35 -14.74 -8.99
CA HIS B 125 11.77 -15.64 -10.06
C HIS B 125 13.07 -16.38 -9.73
N ARG B 126 13.11 -17.68 -10.04
CA ARG B 126 14.33 -18.49 -10.08
C ARG B 126 14.29 -19.42 -11.30
N SER B 127 15.45 -19.90 -11.72
CA SER B 127 15.52 -20.85 -12.84
C SER B 127 15.46 -22.28 -12.35
N SER B 128 14.79 -23.14 -13.12
CA SER B 128 14.85 -24.56 -12.81
C SER B 128 16.27 -25.07 -13.07
N GLY B 129 16.58 -26.22 -12.50
CA GLY B 129 17.92 -26.77 -12.59
C GLY B 129 18.57 -26.82 -11.22
N LYS B 130 19.86 -27.17 -11.21
CA LYS B 130 20.57 -27.42 -9.97
C LYS B 130 21.19 -26.19 -9.35
N LEU B 131 21.21 -25.03 -10.06
CA LEU B 131 21.90 -23.86 -9.51
C LEU B 131 20.90 -22.90 -8.91
N PRO B 132 21.07 -22.47 -7.65
CA PRO B 132 20.16 -21.44 -7.08
C PRO B 132 20.37 -20.10 -7.76
N PRO B 133 19.45 -19.14 -7.61
CA PRO B 133 19.50 -17.94 -8.47
C PRO B 133 20.70 -17.05 -8.23
N GLY B 134 21.10 -16.82 -6.97
CA GLY B 134 22.25 -15.97 -6.72
C GLY B 134 23.50 -16.46 -7.43
N PHE B 135 23.77 -17.76 -7.31
CA PHE B 135 24.94 -18.32 -7.97
C PHE B 135 24.77 -18.30 -9.48
N GLU B 136 23.57 -18.64 -9.97
CA GLU B 136 23.39 -18.71 -11.41
C GLU B 136 23.58 -17.35 -12.06
N ILE B 137 22.98 -16.30 -11.47
CA ILE B 137 23.04 -14.96 -12.07
C ILE B 137 24.46 -14.42 -11.99
N VAL B 138 25.08 -14.49 -10.81
CA VAL B 138 26.45 -13.99 -10.62
C VAL B 138 27.40 -14.70 -11.57
N GLN B 139 27.28 -16.02 -11.66
CA GLN B 139 28.13 -16.78 -12.59
C GLN B 139 27.98 -16.27 -14.01
N ALA B 140 26.75 -16.07 -14.47
CA ALA B 140 26.52 -15.65 -15.86
C ALA B 140 27.13 -14.28 -16.11
N LEU B 141 26.85 -13.32 -15.23
CA LEU B 141 27.35 -11.97 -15.46
C LEU B 141 28.86 -11.88 -15.31
N SER B 142 29.44 -12.65 -14.38
CA SER B 142 30.89 -12.58 -14.21
C SER B 142 31.64 -13.29 -15.34
N LYS B 143 31.06 -14.37 -15.88
CA LYS B 143 31.69 -15.06 -17.00
C LYS B 143 31.74 -14.16 -18.23
N LYS B 144 30.70 -13.35 -18.43
CA LYS B 144 30.68 -12.43 -19.58
C LYS B 144 31.79 -11.39 -19.49
N LEU B 145 32.08 -10.91 -18.27
CA LEU B 145 33.17 -9.96 -18.09
C LEU B 145 34.51 -10.60 -18.38
N LYS B 146 34.72 -11.83 -17.90
CA LYS B 146 35.97 -12.51 -18.16
C LYS B 146 36.14 -12.81 -19.65
N ASP B 147 35.06 -13.20 -20.32
CA ASP B 147 35.13 -13.43 -21.77
C ASP B 147 35.54 -12.15 -22.51
N ILE B 148 35.00 -11.01 -22.10
CA ILE B 148 35.37 -9.75 -22.75
C ILE B 148 36.80 -9.36 -22.38
N SER B 149 37.14 -9.44 -21.08
CA SER B 149 38.49 -9.13 -20.63
C SER B 149 39.53 -9.94 -21.37
N SER B 150 39.26 -11.23 -21.60
CA SER B 150 40.17 -12.07 -22.36
C SER B 150 40.33 -11.58 -23.79
N LYS B 151 39.32 -10.91 -24.33
CA LYS B 151 39.33 -10.37 -25.69
C LYS B 151 39.97 -9.00 -25.77
N ASP B 152 39.80 -8.14 -24.77
CA ASP B 152 40.43 -6.81 -24.74
C ASP B 152 40.66 -6.45 -23.28
N SER B 153 41.86 -6.72 -22.78
CA SER B 153 42.16 -6.50 -21.37
C SER B 153 42.02 -5.03 -20.98
N ASN B 154 42.09 -4.10 -21.94
CA ASN B 154 41.95 -2.69 -21.59
C ASN B 154 40.50 -2.25 -21.53
N LEU B 155 39.55 -3.11 -21.91
CA LEU B 155 38.13 -2.81 -21.84
C LEU B 155 37.53 -3.12 -20.47
N VAL B 156 37.96 -4.20 -19.80
CA VAL B 156 37.52 -4.48 -18.44
C VAL B 156 38.62 -5.26 -17.73
N GLN B 157 38.91 -4.84 -16.49
CA GLN B 157 39.81 -5.52 -15.57
C GLN B 157 39.06 -5.76 -14.26
N ILE B 158 39.21 -6.98 -13.72
CA ILE B 158 38.67 -7.35 -12.42
C ILE B 158 39.84 -7.51 -11.46
N MET B 159 39.79 -6.81 -10.32
CA MET B 159 40.89 -6.78 -9.36
C MET B 159 40.33 -7.12 -7.98
N LEU B 160 40.46 -8.39 -7.60
CA LEU B 160 40.09 -8.86 -6.28
C LEU B 160 41.16 -8.45 -5.26
N ASN B 161 40.87 -8.71 -3.98
CA ASN B 161 41.76 -8.37 -2.87
C ASN B 161 42.21 -6.91 -2.92
N SER B 162 41.29 -6.05 -3.36
CA SER B 162 41.53 -4.62 -3.52
C SER B 162 40.48 -3.87 -2.71
N GLU B 163 40.86 -3.33 -1.56
CA GLU B 163 39.92 -2.63 -0.69
C GLU B 163 39.99 -1.12 -0.94
N VAL B 164 38.87 -0.55 -1.39
CA VAL B 164 38.74 0.90 -1.55
C VAL B 164 38.69 1.55 -0.17
N VAL B 165 39.46 2.63 0.01
CA VAL B 165 39.45 3.36 1.27
C VAL B 165 39.00 4.80 1.11
N ASP B 166 39.06 5.38 -0.09
CA ASP B 166 38.62 6.76 -0.27
C ASP B 166 38.48 7.05 -1.75
N ILE B 167 37.91 8.23 -2.02
CA ILE B 167 37.84 8.83 -3.35
C ILE B 167 38.57 10.17 -3.26
N GLU B 168 39.48 10.43 -4.19
CA GLU B 168 40.10 11.76 -4.27
C GLU B 168 39.40 12.65 -5.29
N LEU B 169 39.12 13.89 -4.87
CA LEU B 169 38.48 14.91 -5.67
C LEU B 169 39.45 16.08 -5.86
N ASP B 170 39.25 16.84 -6.94
CA ASP B 170 40.05 18.01 -7.23
C ASP B 170 39.46 19.22 -6.50
N ASN B 171 40.03 20.42 -6.76
CA ASN B 171 39.77 21.58 -5.91
C ASN B 171 38.28 21.79 -5.66
N GLN B 172 37.45 21.61 -6.69
CA GLN B 172 36.01 21.47 -6.45
C GLN B 172 35.34 21.11 -7.77
N GLY B 173 34.67 19.97 -7.84
CA GLY B 173 34.69 18.92 -6.83
C GLY B 173 34.61 17.56 -7.51
N HIS B 174 35.34 17.40 -8.61
CA HIS B 174 35.21 16.24 -9.48
C HIS B 174 36.12 15.11 -9.03
N VAL B 175 35.72 13.88 -9.36
CA VAL B 175 36.53 12.71 -9.07
C VAL B 175 37.78 12.75 -9.93
N THR B 176 38.94 12.49 -9.31
CA THR B 176 40.17 12.25 -10.07
C THR B 176 40.78 10.88 -9.85
N GLY B 177 40.40 10.17 -8.79
CA GLY B 177 40.90 8.83 -8.61
C GLY B 177 40.21 8.11 -7.47
N VAL B 178 40.54 6.82 -7.33
CA VAL B 178 40.05 5.95 -6.27
C VAL B 178 41.25 5.39 -5.51
N VAL B 179 41.27 5.60 -4.19
CA VAL B 179 42.37 5.11 -3.36
C VAL B 179 42.02 3.75 -2.80
N TYR B 180 42.91 2.77 -3.00
CA TYR B 180 42.64 1.43 -2.54
C TYR B 180 43.92 0.78 -2.01
N MET B 181 43.74 -0.20 -1.13
CA MET B 181 44.83 -1.02 -0.63
C MET B 181 44.83 -2.33 -1.41
N ASP B 182 45.95 -2.67 -2.03
CA ASP B 182 46.02 -3.91 -2.81
C ASP B 182 46.22 -5.10 -1.85
N GLU B 183 46.53 -6.27 -2.41
CA GLU B 183 46.59 -7.50 -1.62
C GLU B 183 47.75 -7.49 -0.62
N ASN B 184 48.80 -6.73 -0.92
CA ASN B 184 50.00 -6.67 -0.11
C ASN B 184 49.92 -5.61 0.96
N GLY B 185 48.76 -4.97 1.13
CA GLY B 185 48.66 -3.85 2.04
C GLY B 185 49.22 -2.55 1.52
N ASN B 186 49.54 -2.46 0.23
CA ASN B 186 50.12 -1.25 -0.34
C ASN B 186 49.04 -0.31 -0.83
N ARG B 187 49.22 0.98 -0.55
CA ARG B 187 48.28 2.00 -1.02
C ARG B 187 48.49 2.25 -2.51
N LYS B 188 47.40 2.22 -3.27
CA LYS B 188 47.43 2.44 -4.71
C LYS B 188 46.35 3.44 -5.11
N ILE B 189 46.52 4.02 -6.29
CA ILE B 189 45.54 4.96 -6.82
C ILE B 189 45.15 4.53 -8.23
N MET B 190 43.85 4.40 -8.48
CA MET B 190 43.30 4.19 -9.82
C MET B 190 42.73 5.51 -10.30
N LYS B 191 43.36 6.10 -11.32
CA LYS B 191 42.90 7.37 -11.86
C LYS B 191 41.61 7.17 -12.66
N SER B 192 40.62 8.02 -12.38
CA SER B 192 39.28 7.86 -12.94
C SER B 192 38.50 9.12 -12.67
N HIS B 193 37.47 9.36 -13.49
CA HIS B 193 36.56 10.47 -13.31
C HIS B 193 35.17 10.03 -12.89
N HIS B 194 34.93 8.72 -12.73
CA HIS B 194 33.61 8.18 -12.41
C HIS B 194 33.74 6.94 -11.56
N VAL B 195 33.00 6.89 -10.46
CA VAL B 195 33.04 5.74 -9.57
C VAL B 195 31.61 5.36 -9.18
N VAL B 196 31.32 4.06 -9.19
CA VAL B 196 30.03 3.53 -8.74
C VAL B 196 30.22 2.68 -7.50
N PHE B 197 29.70 3.15 -6.36
CA PHE B 197 29.71 2.36 -5.12
C PHE B 197 28.66 1.26 -5.20
N CYS B 198 29.11 0.02 -5.28
CA CYS B 198 28.24 -1.16 -5.22
C CYS B 198 28.71 -2.09 -4.12
N SER B 199 29.07 -1.52 -2.97
CA SER B 199 29.86 -2.20 -1.94
C SER B 199 29.06 -2.93 -0.86
N GLY B 200 27.73 -2.94 -0.93
CA GLY B 200 26.95 -3.77 0.01
C GLY B 200 26.57 -3.10 1.32
N GLY B 201 26.01 -3.92 2.21
CA GLY B 201 25.46 -3.43 3.47
C GLY B 201 26.47 -3.41 4.60
N PHE B 202 25.95 -3.33 5.83
CA PHE B 202 26.82 -3.34 7.00
C PHE B 202 26.37 -4.32 8.07
N GLY B 203 25.47 -5.25 7.76
CA GLY B 203 24.89 -6.13 8.77
C GLY B 203 25.89 -6.97 9.56
N TYR B 204 27.08 -7.20 9.01
CA TYR B 204 28.10 -7.97 9.74
C TYR B 204 28.83 -7.14 10.78
N SER B 205 28.88 -5.82 10.62
CA SER B 205 29.71 -4.99 11.47
C SER B 205 29.02 -4.74 12.80
N LYS B 206 29.53 -5.38 13.85
CA LYS B 206 29.01 -5.12 15.20
C LYS B 206 29.21 -3.67 15.58
N GLU B 207 30.34 -3.08 15.17
CA GLU B 207 30.62 -1.67 15.48
C GLU B 207 29.55 -0.75 14.89
N MET B 208 29.12 -1.02 13.67
CA MET B 208 28.13 -0.13 13.08
C MET B 208 26.71 -0.44 13.54
N LEU B 209 26.42 -1.72 13.82
CA LEU B 209 25.15 -2.06 14.44
C LEU B 209 25.03 -1.38 15.80
N LYS B 210 26.13 -1.38 16.57
CA LYS B 210 26.14 -0.70 17.86
C LYS B 210 25.70 0.74 17.73
N GLU B 211 26.10 1.41 16.64
CA GLU B 211 25.80 2.81 16.44
C GLU B 211 24.38 3.02 15.92
N TYR B 212 23.93 2.23 14.96
CA TYR B 212 22.65 2.48 14.33
C TYR B 212 21.52 1.59 14.83
N SER B 213 21.82 0.42 15.38
CA SER B 213 20.73 -0.35 15.97
C SER B 213 21.27 -1.27 17.05
N PRO B 214 21.60 -0.71 18.22
CA PRO B 214 22.30 -1.50 19.26
C PRO B 214 21.52 -2.70 19.79
N ASN B 215 20.20 -2.73 19.66
CA ASN B 215 19.47 -3.90 20.13
C ASN B 215 19.83 -5.17 19.38
N LEU B 216 20.54 -5.06 18.25
CA LEU B 216 20.79 -6.21 17.39
C LEU B 216 22.23 -6.72 17.46
N ILE B 217 23.03 -6.22 18.40
CA ILE B 217 24.46 -6.50 18.38
C ILE B 217 24.81 -7.93 18.80
N HIS B 218 23.90 -8.66 19.45
CA HIS B 218 24.21 -10.03 19.81
C HIS B 218 23.54 -11.07 18.92
N LEU B 219 22.61 -10.65 18.05
CA LEU B 219 22.02 -11.57 17.09
C LEU B 219 23.09 -12.13 16.16
N PRO B 220 22.94 -13.36 15.69
CA PRO B 220 23.80 -13.85 14.61
C PRO B 220 23.38 -13.25 13.27
N THR B 221 24.18 -13.53 12.24
CA THR B 221 23.96 -12.95 10.93
C THR B 221 24.11 -14.00 9.83
N THR B 222 23.51 -13.72 8.68
CA THR B 222 23.71 -14.44 7.42
C THR B 222 24.83 -13.85 6.56
N ASN B 223 25.35 -12.66 6.90
CA ASN B 223 26.21 -11.88 6.01
C ASN B 223 27.65 -12.36 6.01
N GLY B 224 28.29 -12.27 4.85
CA GLY B 224 29.72 -12.53 4.78
C GLY B 224 30.51 -11.50 5.59
N LYS B 225 31.70 -11.91 6.04
CA LYS B 225 32.50 -11.05 6.92
C LYS B 225 32.95 -9.76 6.22
N GLN B 226 32.86 -9.70 4.90
CA GLN B 226 33.19 -8.49 4.15
C GLN B 226 32.14 -7.40 4.31
N THR B 227 30.98 -7.71 4.89
CA THR B 227 29.83 -6.80 4.87
C THR B 227 29.96 -5.81 6.02
N THR B 228 30.86 -4.84 5.86
CA THR B 228 31.27 -3.98 6.98
C THR B 228 30.96 -2.50 6.78
N GLY B 229 30.11 -2.16 5.81
CA GLY B 229 29.71 -0.76 5.66
C GLY B 229 30.77 0.20 5.17
N ASP B 230 31.78 -0.29 4.44
CA ASP B 230 32.89 0.56 4.01
C ASP B 230 32.42 1.72 3.15
N GLY B 231 31.60 1.44 2.13
CA GLY B 231 31.19 2.51 1.24
C GLY B 231 30.39 3.58 1.96
N GLN B 232 29.53 3.15 2.89
CA GLN B 232 28.73 4.09 3.64
C GLN B 232 29.59 5.02 4.47
N LYS B 233 30.66 4.49 5.10
CA LYS B 233 31.51 5.35 5.91
C LYS B 233 32.35 6.27 5.04
N ILE B 234 32.91 5.75 3.94
CA ILE B 234 33.69 6.58 3.03
C ILE B 234 32.83 7.74 2.53
N LEU B 235 31.64 7.44 2.03
CA LEU B 235 30.83 8.51 1.45
C LEU B 235 30.31 9.46 2.53
N SER B 236 30.03 8.96 3.74
CA SER B 236 29.63 9.86 4.81
C SER B 236 30.73 10.87 5.12
N LYS B 237 31.99 10.42 5.20
CA LYS B 237 33.09 11.34 5.49
C LYS B 237 33.30 12.35 4.37
N LEU B 238 33.03 11.96 3.12
CA LEU B 238 33.16 12.83 1.95
C LEU B 238 32.05 13.86 1.84
N GLY B 239 31.01 13.79 2.65
CA GLY B 239 29.96 14.78 2.66
C GLY B 239 28.66 14.32 2.06
N ALA B 240 28.45 13.02 1.93
CA ALA B 240 27.23 12.50 1.35
C ALA B 240 26.18 12.29 2.44
N GLU B 241 24.91 12.40 2.06
CA GLU B 241 23.81 12.16 2.98
C GLU B 241 23.57 10.66 3.13
N LEU B 242 23.44 10.21 4.38
CA LEU B 242 22.97 8.86 4.72
C LEU B 242 21.52 8.94 5.22
N ILE B 243 20.73 7.91 4.89
CA ILE B 243 19.31 7.89 5.25
C ILE B 243 18.93 6.49 5.71
N ASP B 244 17.96 6.43 6.63
CA ASP B 244 17.33 5.19 7.10
C ASP B 244 18.35 4.21 7.68
N MET B 245 19.50 4.69 8.16
CA MET B 245 20.53 3.78 8.65
C MET B 245 20.03 2.88 9.78
N ASP B 246 19.02 3.30 10.55
CA ASP B 246 18.54 2.49 11.66
C ASP B 246 17.50 1.46 11.24
N GLN B 247 17.16 1.37 9.95
CA GLN B 247 16.24 0.35 9.48
C GLN B 247 17.06 -0.87 9.04
N VAL B 248 17.20 -1.83 9.96
CA VAL B 248 17.95 -3.06 9.70
C VAL B 248 16.97 -4.23 9.72
N GLN B 249 17.07 -5.09 8.72
CA GLN B 249 16.15 -6.23 8.60
C GLN B 249 16.71 -7.43 9.33
N VAL B 250 15.97 -7.94 10.31
CA VAL B 250 16.27 -9.24 10.91
C VAL B 250 15.40 -10.28 10.20
N HIS B 251 16.03 -11.21 9.53
CA HIS B 251 15.35 -12.30 8.84
C HIS B 251 14.97 -13.39 9.84
N PRO B 252 13.72 -13.88 9.81
CA PRO B 252 13.27 -14.82 10.86
C PRO B 252 13.92 -16.19 10.80
N THR B 253 14.41 -16.65 9.63
CA THR B 253 14.78 -18.07 9.48
C THR B 253 16.22 -18.22 8.97
N GLY B 254 17.19 -17.91 9.82
CA GLY B 254 18.54 -18.43 9.61
C GLY B 254 18.60 -19.83 10.18
N PHE B 255 19.37 -20.70 9.51
CA PHE B 255 19.51 -22.09 9.96
C PHE B 255 20.39 -22.19 11.18
N ILE B 256 20.00 -23.06 12.11
CA ILE B 256 20.92 -23.50 13.16
C ILE B 256 21.63 -24.75 12.67
N ASP B 257 22.95 -24.70 12.65
CA ASP B 257 23.78 -25.86 12.32
C ASP B 257 23.88 -26.72 13.58
N PRO B 258 23.41 -27.97 13.56
CA PRO B 258 23.41 -28.76 14.80
C PRO B 258 24.80 -29.08 15.34
N ASN B 259 25.82 -29.07 14.50
CA ASN B 259 27.19 -29.28 14.93
C ASN B 259 27.97 -27.99 15.15
N ASP B 260 27.29 -26.84 15.14
CA ASP B 260 27.93 -25.54 15.34
C ASP B 260 26.86 -24.56 15.77
N ARG B 261 26.17 -24.87 16.88
CA ARG B 261 24.92 -24.18 17.21
C ARG B 261 25.12 -22.69 17.51
N GLU B 262 26.30 -22.27 17.96
CA GLU B 262 26.48 -20.88 18.36
C GLU B 262 27.35 -20.06 17.41
N ASN B 263 27.59 -20.57 16.19
CA ASN B 263 28.26 -19.75 15.19
C ASN B 263 27.48 -18.44 15.01
N ASN B 264 28.22 -17.33 15.03
CA ASN B 264 27.66 -16.03 14.73
C ASN B 264 27.21 -15.94 13.29
N TRP B 265 27.73 -16.80 12.41
CA TRP B 265 27.31 -16.87 11.03
C TRP B 265 26.38 -18.06 10.82
N LYS B 266 25.26 -17.85 10.12
CA LYS B 266 24.31 -18.92 9.79
C LYS B 266 24.12 -19.01 8.28
N PHE B 267 24.01 -20.26 7.80
CA PHE B 267 23.30 -20.53 6.57
C PHE B 267 21.88 -19.99 6.65
N LEU B 268 21.38 -19.43 5.55
CA LEU B 268 20.01 -18.92 5.52
C LEU B 268 19.01 -20.00 5.08
N ALA B 269 17.88 -20.07 5.79
CA ALA B 269 16.76 -20.89 5.35
C ALA B 269 15.88 -20.03 4.43
N ALA B 270 15.98 -20.26 3.12
CA ALA B 270 15.38 -19.37 2.14
C ALA B 270 13.90 -19.12 2.44
N GLU B 271 13.48 -17.88 2.25
CA GLU B 271 12.07 -17.55 2.43
C GLU B 271 11.19 -18.35 1.48
N ALA B 272 11.72 -18.74 0.32
CA ALA B 272 10.99 -19.60 -0.61
C ALA B 272 10.56 -20.93 0.03
N LEU B 273 11.29 -21.42 1.03
CA LEU B 273 10.88 -22.66 1.67
C LEU B 273 9.50 -22.51 2.31
N ARG B 274 9.20 -21.34 2.86
CA ARG B 274 7.87 -21.08 3.41
C ARG B 274 6.87 -20.76 2.30
N GLY B 275 7.25 -19.92 1.34
CA GLY B 275 6.35 -19.59 0.24
C GLY B 275 5.93 -20.78 -0.60
N LEU B 276 6.82 -21.76 -0.76
CA LEU B 276 6.53 -22.98 -1.50
C LEU B 276 5.82 -24.04 -0.64
N GLY B 277 5.58 -23.77 0.65
CA GLY B 277 4.72 -24.65 1.45
C GLY B 277 5.17 -24.93 2.87
N GLY B 278 6.36 -24.48 3.25
CA GLY B 278 6.86 -24.76 4.59
C GLY B 278 6.10 -24.04 5.68
N ILE B 279 6.04 -24.67 6.86
CA ILE B 279 5.38 -24.11 8.04
C ILE B 279 6.41 -24.03 9.17
N LEU B 280 6.06 -23.29 10.23
CA LEU B 280 6.86 -23.13 11.42
C LEU B 280 6.12 -23.68 12.63
N LEU B 281 6.79 -24.52 13.41
CA LEU B 281 6.25 -25.07 14.65
C LEU B 281 7.00 -24.48 15.85
N HIS B 282 6.27 -24.21 16.92
CA HIS B 282 6.89 -23.85 18.19
C HIS B 282 7.81 -24.98 18.66
N PRO B 283 9.00 -24.68 19.16
CA PRO B 283 9.98 -25.74 19.47
C PRO B 283 9.68 -26.53 20.74
N THR B 284 8.69 -26.11 21.52
CA THR B 284 8.21 -26.84 22.67
C THR B 284 6.91 -27.56 22.37
N THR B 285 5.90 -26.84 21.89
CA THR B 285 4.57 -27.42 21.73
C THR B 285 4.41 -28.21 20.44
N GLY B 286 5.20 -27.93 19.40
CA GLY B 286 4.95 -28.60 18.15
C GLY B 286 3.70 -28.14 17.43
N ARG B 287 3.24 -26.93 17.71
CA ARG B 287 2.11 -26.33 17.03
C ARG B 287 2.55 -25.10 16.24
N ARG B 288 1.82 -24.80 15.16
CA ARG B 288 2.00 -23.56 14.43
C ARG B 288 1.64 -22.37 15.33
N PHE B 289 2.33 -21.24 15.11
CA PHE B 289 2.13 -20.07 15.96
C PHE B 289 2.00 -18.75 15.24
N THR B 290 2.20 -18.70 13.92
CA THR B 290 2.17 -17.41 13.25
C THR B 290 1.95 -17.63 11.76
N ASN B 291 1.57 -16.55 11.08
CA ASN B 291 1.50 -16.51 9.62
C ASN B 291 2.92 -16.49 9.07
N GLU B 292 3.35 -17.61 8.47
CA GLU B 292 4.71 -17.73 7.96
C GLU B 292 4.95 -16.87 6.71
N LEU B 293 3.89 -16.40 6.06
CA LEU B 293 4.02 -15.63 4.83
C LEU B 293 3.73 -14.14 5.04
N SER B 294 3.87 -13.65 6.27
CA SER B 294 3.89 -12.22 6.50
C SER B 294 5.29 -11.68 6.24
N THR B 295 5.46 -10.37 6.33
CA THR B 295 6.75 -9.76 6.05
C THR B 295 7.79 -10.16 7.11
N ALA B 296 9.06 -9.94 6.77
CA ALA B 296 10.15 -10.48 7.60
C ALA B 296 10.17 -9.84 8.99
N ASP B 297 9.88 -8.54 9.08
CA ASP B 297 9.87 -7.90 10.39
C ASP B 297 8.77 -8.49 11.27
N THR B 298 7.64 -8.87 10.67
CA THR B 298 6.52 -9.40 11.44
C THR B 298 6.78 -10.82 11.92
N VAL B 299 7.26 -11.69 11.03
CA VAL B 299 7.58 -13.05 11.42
C VAL B 299 8.63 -13.05 12.52
N THR B 300 9.69 -12.25 12.35
CA THR B 300 10.71 -12.16 13.38
C THR B 300 10.12 -11.74 14.71
N MET B 301 9.26 -10.72 14.69
CA MET B 301 8.66 -10.23 15.92
C MET B 301 7.80 -11.30 16.59
N GLU B 302 7.06 -12.07 15.78
CA GLU B 302 6.26 -13.17 16.32
C GLU B 302 7.13 -14.27 16.91
N ILE B 303 8.23 -14.61 16.23
CA ILE B 303 9.14 -15.62 16.77
C ILE B 303 9.75 -15.16 18.08
N GLN B 304 10.16 -13.90 18.15
CA GLN B 304 10.85 -13.40 19.32
C GLN B 304 9.90 -13.25 20.51
N SER B 305 8.60 -13.11 20.25
CA SER B 305 7.63 -13.01 21.33
C SER B 305 7.03 -14.36 21.70
N LYS B 306 6.76 -15.21 20.72
CA LYS B 306 6.02 -16.45 20.96
C LYS B 306 6.92 -17.66 21.23
N CYS B 307 8.13 -17.69 20.70
CA CYS B 307 9.04 -18.79 20.97
C CYS B 307 9.85 -18.47 22.23
N PRO B 308 10.43 -19.49 22.89
CA PRO B 308 11.03 -19.28 24.22
C PRO B 308 12.12 -18.22 24.21
N LYS B 309 12.07 -17.34 25.22
CA LYS B 309 13.00 -16.22 25.31
C LYS B 309 14.46 -16.67 25.28
N ASN B 310 14.82 -17.62 26.13
CA ASN B 310 16.07 -18.33 25.98
C ASN B 310 15.75 -19.51 25.10
N ASP B 311 16.58 -19.75 24.09
CA ASP B 311 16.30 -20.76 23.04
C ASP B 311 15.24 -20.25 22.06
N ASN B 312 15.48 -19.08 21.47
CA ASN B 312 14.51 -18.44 20.58
C ASN B 312 14.73 -18.97 19.17
N ARG B 313 14.07 -20.09 18.89
CA ARG B 313 14.16 -20.74 17.59
C ARG B 313 12.82 -21.37 17.27
N ALA B 314 12.73 -21.99 16.09
CA ALA B 314 11.51 -22.68 15.69
C ALA B 314 11.87 -23.79 14.72
N LEU B 315 10.93 -24.72 14.54
CA LEU B 315 11.12 -25.82 13.58
C LEU B 315 10.49 -25.46 12.23
N LEU B 316 11.30 -25.48 11.18
CA LEU B 316 10.80 -25.29 9.83
C LEU B 316 10.52 -26.65 9.23
N VAL B 317 9.25 -26.93 8.91
CA VAL B 317 8.78 -28.26 8.52
C VAL B 317 8.23 -28.18 7.11
N MET B 318 8.65 -29.10 6.25
CA MET B 318 8.29 -29.09 4.84
C MET B 318 7.86 -30.47 4.38
N SER B 319 6.81 -30.52 3.56
CA SER B 319 6.23 -31.77 3.09
C SER B 319 7.04 -32.35 1.93
N ASP B 320 6.66 -33.58 1.53
CA ASP B 320 7.22 -34.16 0.32
C ASP B 320 6.97 -33.28 -0.89
N LYS B 321 5.79 -32.65 -0.96
CA LYS B 321 5.46 -31.82 -2.12
C LYS B 321 6.33 -30.57 -2.18
N VAL B 322 6.67 -29.98 -1.04
CA VAL B 322 7.67 -28.91 -1.04
C VAL B 322 9.00 -29.43 -1.57
N TYR B 323 9.43 -30.59 -1.07
CA TYR B 323 10.68 -31.18 -1.52
C TYR B 323 10.70 -31.37 -3.03
N GLU B 324 9.56 -31.79 -3.61
CA GLU B 324 9.55 -32.04 -5.06
C GLU B 324 9.63 -30.77 -5.88
N ASN B 325 9.40 -29.60 -5.27
CA ASN B 325 9.46 -28.32 -5.99
C ASN B 325 10.65 -27.46 -5.60
N TYR B 326 11.55 -27.98 -4.76
CA TYR B 326 12.72 -27.26 -4.31
C TYR B 326 13.83 -28.28 -4.02
N THR B 327 13.98 -29.24 -4.93
CA THR B 327 14.73 -30.47 -4.64
C THR B 327 16.21 -30.19 -4.41
N ASN B 328 16.87 -29.53 -5.37
CA ASN B 328 18.32 -29.38 -5.27
C ASN B 328 18.69 -28.46 -4.12
N ASN B 329 17.86 -27.45 -3.88
CA ASN B 329 18.08 -26.52 -2.78
C ASN B 329 17.99 -27.24 -1.44
N ILE B 330 17.00 -28.13 -1.29
CA ILE B 330 16.86 -28.85 -0.02
C ILE B 330 17.95 -29.92 0.09
N ASN B 331 18.29 -30.57 -1.03
CA ASN B 331 19.43 -31.48 -1.05
C ASN B 331 20.70 -30.81 -0.51
N PHE B 332 20.94 -29.56 -0.91
CA PHE B 332 22.11 -28.84 -0.38
C PHE B 332 22.02 -28.66 1.13
N TYR B 333 20.87 -28.17 1.62
CA TYR B 333 20.69 -27.99 3.05
C TYR B 333 20.90 -29.30 3.80
N MET B 334 20.37 -30.41 3.27
CA MET B 334 20.61 -31.68 3.94
C MET B 334 22.08 -32.06 3.92
N SER B 335 22.81 -31.71 2.85
CA SER B 335 24.22 -32.07 2.79
C SER B 335 25.02 -31.38 3.88
N LYS B 336 24.56 -30.21 4.35
CA LYS B 336 25.18 -29.49 5.44
C LYS B 336 24.51 -29.79 6.78
N ASN B 337 23.68 -30.83 6.84
CA ASN B 337 22.99 -31.28 8.06
C ASN B 337 22.01 -30.25 8.60
N LEU B 338 21.54 -29.31 7.76
CA LEU B 338 20.62 -28.29 8.24
C LEU B 338 19.17 -28.71 8.19
N ILE B 339 18.83 -29.66 7.31
CA ILE B 339 17.50 -30.23 7.19
C ILE B 339 17.64 -31.74 7.30
N LYS B 340 16.72 -32.37 8.04
CA LYS B 340 16.74 -33.82 8.22
C LYS B 340 15.39 -34.40 7.81
N LYS B 341 15.42 -35.58 7.17
CA LYS B 341 14.23 -36.31 6.76
C LYS B 341 13.88 -37.31 7.86
N VAL B 342 12.71 -37.16 8.46
CA VAL B 342 12.42 -37.85 9.72
C VAL B 342 10.93 -38.19 9.80
N SER B 343 10.63 -39.36 10.34
CA SER B 343 9.25 -39.72 10.57
C SER B 343 8.64 -38.83 11.64
N ILE B 344 7.30 -38.78 11.68
CA ILE B 344 6.63 -37.96 12.68
C ILE B 344 6.86 -38.52 14.07
N ASN B 345 6.93 -39.84 14.19
CA ASN B 345 7.28 -40.45 15.46
C ASN B 345 8.67 -40.04 15.92
N ASP B 346 9.65 -40.05 15.01
CA ASP B 346 10.99 -39.69 15.44
C ASP B 346 11.13 -38.19 15.64
N LEU B 347 10.40 -37.39 14.85
CA LEU B 347 10.40 -35.94 15.02
C LEU B 347 10.07 -35.54 16.45
N ILE B 348 9.09 -36.21 17.06
CA ILE B 348 8.72 -35.93 18.45
C ILE B 348 9.91 -36.10 19.36
N ARG B 349 10.72 -37.15 19.12
CA ARG B 349 11.80 -37.52 20.02
C ARG B 349 13.08 -36.74 19.74
N GLN B 350 13.42 -36.49 18.47
CA GLN B 350 14.65 -35.75 18.18
C GLN B 350 14.57 -34.30 18.64
N TYR B 351 13.37 -33.76 18.78
CA TYR B 351 13.18 -32.35 19.15
C TYR B 351 12.43 -32.19 20.47
N ASP B 352 12.19 -33.28 21.19
CA ASP B 352 11.64 -33.22 22.54
C ASP B 352 10.37 -32.37 22.59
N LEU B 353 9.43 -32.68 21.71
CA LEU B 353 8.19 -31.92 21.65
C LEU B 353 7.23 -32.43 22.73
N GLN B 354 6.29 -31.57 23.12
CA GLN B 354 5.30 -31.95 24.11
C GLN B 354 4.14 -32.69 23.49
N THR B 355 3.80 -32.39 22.26
CA THR B 355 2.73 -33.10 21.59
C THR B 355 3.10 -34.57 21.39
N THR B 356 2.07 -35.40 21.21
CA THR B 356 2.25 -36.78 20.76
C THR B 356 2.22 -36.83 19.24
N ALA B 357 2.71 -37.93 18.69
CA ALA B 357 2.73 -38.11 17.24
C ALA B 357 1.33 -38.01 16.65
N SER B 358 0.37 -38.69 17.25
CA SER B 358 -0.99 -38.64 16.71
C SER B 358 -1.54 -37.23 16.72
N GLU B 359 -1.23 -36.46 17.78
CA GLU B 359 -1.69 -35.08 17.85
C GLU B 359 -1.06 -34.22 16.74
N LEU B 360 0.21 -34.44 16.45
CA LEU B 360 0.85 -33.67 15.39
C LEU B 360 0.25 -34.02 14.02
N VAL B 361 0.00 -35.31 13.77
CA VAL B 361 -0.69 -35.71 12.54
C VAL B 361 -1.98 -34.91 12.37
N THR B 362 -2.76 -34.79 13.44
CA THR B 362 -4.01 -34.05 13.38
C THR B 362 -3.77 -32.59 13.03
N GLU B 363 -2.71 -31.99 13.59
CA GLU B 363 -2.39 -30.59 13.30
C GLU B 363 -2.03 -30.40 11.82
N LEU B 364 -1.19 -31.29 11.28
CA LEU B 364 -0.78 -31.15 9.88
C LEU B 364 -1.94 -31.36 8.93
N LYS B 365 -2.83 -32.31 9.24
CA LYS B 365 -4.01 -32.54 8.42
C LYS B 365 -4.96 -31.35 8.45
N SER B 366 -5.07 -30.71 9.62
CA SER B 366 -5.93 -29.55 9.74
C SER B 366 -5.35 -28.36 8.99
N TYR B 367 -4.05 -28.13 9.12
CA TYR B 367 -3.39 -27.08 8.36
C TYR B 367 -3.63 -27.25 6.86
N SER B 368 -3.53 -28.49 6.38
CA SER B 368 -3.59 -28.78 4.94
C SER B 368 -5.02 -28.83 4.39
N ASP B 369 -6.04 -28.72 5.25
CA ASP B 369 -7.43 -28.70 4.80
C ASP B 369 -7.72 -27.26 4.36
N VAL B 370 -7.58 -27.00 3.05
CA VAL B 370 -7.70 -25.64 2.52
C VAL B 370 -9.11 -25.06 2.61
N ASN B 371 -10.13 -25.89 2.83
CA ASN B 371 -11.49 -25.38 2.97
C ASN B 371 -11.84 -25.02 4.41
N THR B 372 -10.92 -25.25 5.36
CA THR B 372 -11.00 -24.66 6.68
C THR B 372 -10.06 -23.44 6.73
N LYS B 373 -10.60 -22.30 7.16
CA LYS B 373 -9.83 -21.05 7.26
C LYS B 373 -8.55 -21.24 8.07
N ASP B 374 -7.43 -20.76 7.53
CA ASP B 374 -6.16 -20.85 8.25
C ASP B 374 -6.24 -20.00 9.51
N THR B 375 -5.81 -20.59 10.63
CA THR B 375 -5.82 -19.92 11.93
C THR B 375 -5.16 -18.54 11.88
N PHE B 376 -4.01 -18.44 11.23
CA PHE B 376 -3.19 -17.24 11.22
C PHE B 376 -3.28 -16.47 9.91
N ASP B 377 -4.31 -16.74 9.10
CA ASP B 377 -4.61 -15.97 7.90
C ASP B 377 -3.50 -16.09 6.86
N ARG B 378 -2.86 -17.25 6.81
CA ARG B 378 -1.81 -17.45 5.85
C ARG B 378 -2.36 -17.29 4.44
N PRO B 379 -1.80 -16.39 3.62
CA PRO B 379 -2.42 -16.05 2.32
C PRO B 379 -2.30 -17.10 1.23
N LEU B 380 -1.28 -17.95 1.27
CA LEU B 380 -1.08 -18.97 0.24
C LEU B 380 -0.68 -20.27 0.91
N ILE B 381 -1.45 -21.33 0.68
CA ILE B 381 -1.15 -22.67 1.19
C ILE B 381 -1.05 -23.60 -0.01
N ILE B 382 0.18 -23.98 -0.39
CA ILE B 382 0.42 -24.95 -1.45
C ILE B 382 1.41 -25.99 -0.95
N ASN B 383 1.45 -27.12 -1.65
CA ASN B 383 2.40 -28.19 -1.36
C ASN B 383 2.34 -28.58 0.11
N ALA B 384 1.12 -28.69 0.64
CA ALA B 384 0.96 -29.05 2.04
C ALA B 384 1.11 -30.56 2.21
N PHE B 385 0.60 -31.09 3.33
CA PHE B 385 0.78 -32.49 3.72
C PHE B 385 -0.35 -33.38 3.20
N ASP B 386 -0.02 -34.65 2.95
CA ASP B 386 -0.97 -35.60 2.39
C ASP B 386 -2.14 -35.86 3.35
N LYS B 387 -3.36 -35.87 2.80
CA LYS B 387 -4.54 -36.03 3.65
C LYS B 387 -4.51 -37.33 4.43
N ASP B 388 -3.74 -38.33 4.00
CA ASP B 388 -3.63 -39.57 4.74
C ASP B 388 -2.25 -39.76 5.38
N ILE B 389 -1.58 -38.66 5.72
CA ILE B 389 -0.34 -38.74 6.47
C ILE B 389 -0.58 -39.50 7.77
N SER B 390 0.44 -40.23 8.25
CA SER B 390 0.36 -41.00 9.49
C SER B 390 1.59 -40.70 10.36
N THR B 391 1.66 -41.33 11.54
CA THR B 391 2.81 -41.10 12.44
C THR B 391 4.10 -41.68 11.90
N GLU B 392 4.02 -42.62 10.95
CA GLU B 392 5.20 -43.19 10.29
C GLU B 392 5.58 -42.47 9.00
N SER B 393 4.79 -41.50 8.54
CA SER B 393 5.18 -40.72 7.37
C SER B 393 6.38 -39.84 7.71
N THR B 394 7.16 -39.50 6.67
CA THR B 394 8.35 -38.69 6.84
C THR B 394 8.12 -37.25 6.36
N VAL B 395 8.79 -36.32 7.03
CA VAL B 395 8.80 -34.91 6.66
C VAL B 395 10.23 -34.42 6.76
N TYR B 396 10.46 -33.21 6.23
CA TYR B 396 11.77 -32.54 6.25
C TYR B 396 11.72 -31.43 7.30
N VAL B 397 12.71 -31.38 8.19
CA VAL B 397 12.68 -30.48 9.34
C VAL B 397 14.02 -29.76 9.45
N GLY B 398 13.97 -28.44 9.71
CA GLY B 398 15.14 -27.70 10.13
C GLY B 398 14.84 -26.88 11.37
N GLU B 399 15.91 -26.46 12.05
CA GLU B 399 15.85 -25.50 13.16
C GLU B 399 16.27 -24.14 12.63
N VAL B 400 15.48 -23.10 12.94
CA VAL B 400 15.70 -21.77 12.38
C VAL B 400 15.57 -20.72 13.48
N THR B 401 16.23 -19.58 13.25
CA THR B 401 16.31 -18.56 14.28
C THR B 401 16.57 -17.20 13.63
N PRO B 402 16.04 -16.12 14.20
CA PRO B 402 16.22 -14.80 13.58
C PRO B 402 17.68 -14.36 13.47
N VAL B 403 17.98 -13.65 12.38
CA VAL B 403 19.34 -13.28 12.05
C VAL B 403 19.34 -11.91 11.40
N VAL B 404 20.32 -11.06 11.78
CA VAL B 404 20.57 -9.83 11.06
C VAL B 404 20.92 -10.17 9.62
N HIS B 405 20.24 -9.50 8.65
CA HIS B 405 20.26 -9.96 7.25
C HIS B 405 20.55 -8.87 6.22
N PHE B 406 19.95 -7.69 6.34
CA PHE B 406 19.94 -6.69 5.26
C PHE B 406 19.79 -5.31 5.86
N THR B 407 20.54 -4.35 5.35
CA THR B 407 20.46 -2.99 5.87
C THR B 407 19.76 -2.11 4.83
N MET B 408 18.52 -1.72 5.17
CA MET B 408 17.71 -0.87 4.31
C MET B 408 18.29 0.52 4.15
N GLY B 409 19.10 0.99 5.09
CA GLY B 409 19.69 2.31 5.02
C GLY B 409 20.93 2.33 4.15
N GLY B 410 21.45 3.53 3.93
CA GLY B 410 22.68 3.69 3.17
C GLY B 410 22.81 5.12 2.66
N VAL B 411 23.67 5.28 1.66
CA VAL B 411 23.86 6.60 1.07
C VAL B 411 22.61 6.97 0.28
N LYS B 412 22.19 8.23 0.41
CA LYS B 412 21.04 8.73 -0.33
C LYS B 412 21.36 8.88 -1.81
N ILE B 413 20.50 8.31 -2.67
CA ILE B 413 20.65 8.42 -4.13
C ILE B 413 19.39 9.00 -4.70
N ASN B 414 19.47 9.41 -5.98
CA ASN B 414 18.31 9.88 -6.73
C ASN B 414 17.98 8.85 -7.81
N GLU B 415 17.02 9.18 -8.67
CA GLU B 415 16.59 8.26 -9.71
C GLU B 415 17.70 7.98 -10.72
N LYS B 416 18.70 8.85 -10.83
CA LYS B 416 19.85 8.65 -11.69
C LYS B 416 20.93 7.80 -11.06
N SER B 417 20.69 7.25 -9.86
CA SER B 417 21.70 6.51 -9.12
C SER B 417 22.85 7.39 -8.68
N GLN B 418 22.63 8.70 -8.58
CA GLN B 418 23.67 9.63 -8.16
C GLN B 418 23.61 9.88 -6.67
N VAL B 419 24.77 9.98 -6.05
CA VAL B 419 24.87 10.19 -4.60
C VAL B 419 24.53 11.65 -4.28
N ILE B 420 23.68 11.85 -3.29
CA ILE B 420 23.15 13.16 -2.93
C ILE B 420 24.00 13.75 -1.82
N LYS B 421 24.39 15.00 -1.99
CA LYS B 421 25.17 15.70 -0.97
C LYS B 421 24.36 15.87 0.31
N LYS B 422 25.07 15.80 1.44
CA LYS B 422 24.42 15.96 2.73
C LYS B 422 23.74 17.32 2.82
N ASN B 423 22.56 17.35 3.45
CA ASN B 423 21.80 18.57 3.69
C ASN B 423 21.49 19.33 2.41
N SER B 424 21.37 18.61 1.30
CA SER B 424 21.17 19.23 0.00
C SER B 424 20.41 18.22 -0.85
N GLU B 425 19.83 18.71 -1.95
CA GLU B 425 19.36 17.78 -2.97
C GLU B 425 20.23 17.79 -4.23
N SER B 426 21.35 18.51 -4.22
CA SER B 426 22.29 18.46 -5.33
C SER B 426 23.19 17.24 -5.17
N VAL B 427 23.67 16.73 -6.31
CA VAL B 427 24.59 15.58 -6.27
C VAL B 427 25.85 15.97 -5.51
N LEU B 428 26.41 15.00 -4.76
CA LEU B 428 27.71 15.24 -4.11
C LEU B 428 28.80 15.48 -5.14
N SER B 429 28.86 14.64 -6.17
CA SER B 429 29.83 14.84 -7.24
C SER B 429 29.25 14.29 -8.53
N ASN B 430 29.50 15.03 -9.62
CA ASN B 430 29.19 14.64 -10.99
C ASN B 430 29.57 13.19 -11.26
N GLY B 431 30.65 12.71 -10.66
CA GLY B 431 31.11 11.36 -10.98
C GLY B 431 30.97 10.30 -9.89
N ILE B 432 30.12 10.51 -8.89
CA ILE B 432 29.92 9.55 -7.82
C ILE B 432 28.48 9.01 -7.88
N PHE B 433 28.35 7.70 -8.10
CA PHE B 433 27.08 6.98 -8.13
C PHE B 433 27.10 5.86 -7.08
N ALA B 434 25.91 5.31 -6.80
CA ALA B 434 25.81 4.13 -5.95
C ALA B 434 24.62 3.27 -6.37
N ALA B 435 24.74 1.96 -6.13
CA ALA B 435 23.68 1.01 -6.48
C ALA B 435 23.71 -0.19 -5.53
N GLY B 436 22.52 -0.70 -5.21
CA GLY B 436 22.44 -1.89 -4.40
C GLY B 436 22.33 -1.56 -2.92
N GLU B 437 22.71 -2.54 -2.10
CA GLU B 437 22.46 -2.48 -0.66
C GLU B 437 23.19 -1.32 0.01
N VAL B 438 24.26 -0.80 -0.61
CA VAL B 438 25.00 0.33 -0.07
C VAL B 438 24.17 1.62 0.02
N SER B 439 23.10 1.71 -0.75
CA SER B 439 22.27 2.90 -0.78
C SER B 439 21.03 2.73 0.10
N GLY B 440 20.47 3.85 0.53
CA GLY B 440 19.24 3.87 1.28
C GLY B 440 18.08 4.46 0.49
N GLY B 441 16.86 4.21 1.00
CA GLY B 441 15.67 4.86 0.51
C GLY B 441 14.77 4.02 -0.37
N VAL B 442 15.25 2.86 -0.84
CA VAL B 442 14.45 2.09 -1.79
C VAL B 442 13.38 1.27 -1.09
N HIS B 443 13.62 0.83 0.16
CA HIS B 443 12.76 -0.14 0.83
C HIS B 443 12.05 0.35 2.08
N GLY B 444 12.51 1.42 2.70
CA GLY B 444 11.85 1.89 3.92
C GLY B 444 12.11 0.96 5.09
N ALA B 445 11.03 0.66 5.84
CA ALA B 445 11.13 -0.07 7.10
C ALA B 445 11.30 -1.58 6.91
N ASN B 446 11.19 -2.11 5.70
CA ASN B 446 11.33 -3.55 5.49
C ASN B 446 11.52 -3.88 4.03
N ARG B 447 12.48 -4.75 3.70
CA ARG B 447 12.70 -5.16 2.33
C ARG B 447 11.90 -6.42 2.05
N LEU B 448 11.07 -6.38 1.00
CA LEU B 448 10.37 -7.59 0.60
C LEU B 448 11.35 -8.60 0.04
N GLY B 449 11.10 -9.88 0.34
CA GLY B 449 11.89 -10.93 -0.26
C GLY B 449 11.91 -10.79 -1.77
N GLY B 450 13.07 -10.93 -2.37
CA GLY B 450 13.24 -10.88 -3.80
C GLY B 450 13.54 -9.51 -4.38
N SER B 451 13.47 -8.43 -3.61
CA SER B 451 13.60 -7.10 -4.16
C SER B 451 15.02 -6.54 -4.10
N SER B 452 15.92 -7.16 -3.33
CA SER B 452 17.27 -6.65 -3.29
C SER B 452 18.05 -7.01 -4.54
N LEU B 453 17.98 -8.27 -4.97
CA LEU B 453 18.58 -8.63 -6.25
C LEU B 453 18.05 -7.72 -7.35
N LEU B 454 16.73 -7.51 -7.37
CA LEU B 454 16.11 -6.61 -8.35
C LEU B 454 16.70 -5.20 -8.27
N GLU B 455 16.84 -4.66 -7.05
CA GLU B 455 17.40 -3.32 -6.88
C GLU B 455 18.78 -3.23 -7.52
N CYS B 456 19.56 -4.31 -7.41
CA CYS B 456 20.90 -4.30 -7.99
C CYS B 456 20.83 -4.11 -9.50
N VAL B 457 19.89 -4.77 -10.16
CA VAL B 457 19.78 -4.68 -11.61
C VAL B 457 19.25 -3.32 -12.04
N VAL B 458 18.15 -2.89 -11.43
CA VAL B 458 17.50 -1.63 -11.82
C VAL B 458 18.46 -0.47 -11.65
N PHE B 459 19.09 -0.36 -10.48
CA PHE B 459 19.93 0.80 -10.23
C PHE B 459 21.36 0.61 -10.75
N GLY B 460 21.82 -0.62 -10.94
CA GLY B 460 23.07 -0.83 -11.65
C GLY B 460 22.98 -0.40 -13.11
N LYS B 461 21.91 -0.79 -13.81
CA LYS B 461 21.72 -0.31 -15.18
C LYS B 461 21.60 1.21 -15.22
N THR B 462 20.89 1.79 -14.26
CA THR B 462 20.67 3.23 -14.28
C THR B 462 21.98 4.00 -14.10
N ALA B 463 22.84 3.54 -13.20
CA ALA B 463 24.14 4.20 -13.02
C ALA B 463 24.96 4.13 -14.30
N ALA B 464 24.97 2.96 -14.94
CA ALA B 464 25.72 2.82 -16.18
C ALA B 464 25.16 3.72 -17.27
N ASP B 465 23.83 3.73 -17.44
CA ASP B 465 23.24 4.56 -18.48
C ASP B 465 23.49 6.04 -18.22
N ASN B 466 23.48 6.45 -16.95
CA ASN B 466 23.67 7.87 -16.64
C ASN B 466 25.13 8.29 -16.72
N ILE B 467 26.08 7.40 -16.42
CA ILE B 467 27.49 7.71 -16.63
C ILE B 467 27.78 7.85 -18.12
N ALA B 468 27.16 6.99 -18.93
CA ALA B 468 27.37 7.03 -20.38
C ALA B 468 26.97 8.38 -20.98
N LYS B 469 25.99 9.05 -20.40
CA LYS B 469 25.64 10.37 -20.92
C LYS B 469 26.69 11.42 -20.58
N LEU B 470 27.63 11.10 -19.69
CA LEU B 470 28.61 12.07 -19.21
C LEU B 470 30.03 11.72 -19.61
N TYR B 471 30.29 10.47 -19.97
CA TYR B 471 31.65 10.00 -20.26
C TYR B 471 32.28 10.71 -21.45
PA FAD C . -10.90 13.12 -0.71
O1A FAD C . -11.53 11.97 -1.45
O2A FAD C . -10.63 12.80 0.76
O5B FAD C . -9.48 13.58 -1.41
C5B FAD C . -8.78 14.52 -0.66
C4B FAD C . -7.29 14.42 -1.06
O4B FAD C . -6.68 15.53 -0.73
C3B FAD C . -6.64 13.27 -0.26
O3B FAD C . -6.13 12.32 -1.11
C2B FAD C . -5.54 13.98 0.56
O2B FAD C . -4.36 13.08 0.84
C1B FAD C . -5.25 15.05 -0.18
N9A FAD C . -4.66 16.10 0.60
C8A FAD C . -5.04 16.42 1.84
N7A FAD C . -4.28 17.44 2.27
C5A FAD C . -3.42 17.72 1.28
C6A FAD C . -2.43 18.68 1.20
N6A FAD C . -2.04 19.65 2.21
N1A FAD C . -1.72 18.79 0.09
C2A FAD C . -1.96 17.96 -0.97
N3A FAD C . -2.93 17.01 -0.89
C4A FAD C . -3.67 16.92 0.24
N1 FAD C . -19.82 9.85 -0.23
C2 FAD C . -20.92 9.56 -1.16
O2 FAD C . -21.49 10.45 -1.68
N3 FAD C . -21.29 8.14 -1.44
C4 FAD C . -20.58 7.05 -0.79
O4 FAD C . -20.89 5.93 -1.02
C4X FAD C . -19.45 7.38 0.18
N5 FAD C . -18.72 6.34 0.87
C5X FAD C . -17.61 6.69 1.81
C6 FAD C . -16.87 5.71 2.49
C7 FAD C . -15.83 6.07 3.36
C7M FAD C . -15.25 4.78 3.91
C8 FAD C . -15.52 7.42 3.58
C8M FAD C . -14.40 7.84 4.54
C9 FAD C . -16.26 8.41 2.90
C9A FAD C . -17.28 8.03 2.04
N10 FAD C . -18.05 9.10 1.36
C10 FAD C . -19.11 8.76 0.43
C1' FAD C . -17.69 10.47 1.58
C2' FAD C . -16.90 10.82 0.33
O2' FAD C . -16.30 9.68 -0.25
C3' FAD C . -15.82 11.83 0.68
O3' FAD C . -16.39 12.97 1.24
C4' FAD C . -15.27 12.16 -0.68
O4' FAD C . -14.08 11.42 -0.76
C5' FAD C . -14.93 13.65 -0.74
O5' FAD C . -14.11 13.78 -1.87
P FAD C . -12.88 14.85 -1.87
O1P FAD C . -12.27 14.81 -3.26
O2P FAD C . -13.36 16.18 -1.37
O3P FAD C . -11.84 14.44 -0.70
C1 SIN D . -21.96 9.02 2.26
O1 SIN D . -22.49 10.10 1.83
O2 SIN D . -21.00 9.12 3.06
C2 SIN D . -22.40 7.61 1.92
C3 SIN D . -21.46 6.74 2.79
C4 SIN D . -21.66 5.23 2.74
O3 SIN D . -22.29 4.66 3.65
O4 SIN D . -21.12 4.52 1.83
PA FAD E . 26.98 -7.65 -2.35
O1A FAD E . 26.37 -8.77 -3.12
O2A FAD E . 27.04 -7.92 -0.86
O5B FAD E . 28.46 -7.32 -2.92
C5B FAD E . 29.15 -6.27 -2.30
C4B FAD E . 30.63 -6.46 -2.70
O4B FAD E . 31.30 -5.36 -2.43
C3B FAD E . 31.19 -7.58 -1.77
O3B FAD E . 31.70 -8.59 -2.54
C2B FAD E . 32.29 -6.86 -0.96
O2B FAD E . 33.44 -7.77 -0.77
C1B FAD E . 32.65 -5.82 -1.71
N9A FAD E . 33.18 -4.77 -0.89
C8A FAD E . 32.71 -4.43 0.32
N7A FAD E . 33.46 -3.42 0.78
C5A FAD E . 34.42 -3.16 -0.13
C6A FAD E . 35.44 -2.25 -0.16
N6A FAD E . 35.84 -1.26 0.81
N1A FAD E . 36.25 -2.19 -1.21
C2A FAD E . 36.06 -3.04 -2.25
N3A FAD E . 35.05 -3.94 -2.22
C4A FAD E . 34.24 -3.99 -1.17
N1 FAD E . 18.13 -10.72 -2.07
C2 FAD E . 17.05 -11.02 -3.03
O2 FAD E . 16.53 -10.15 -3.61
N3 FAD E . 16.64 -12.44 -3.24
C4 FAD E . 17.29 -13.52 -2.50
O4 FAD E . 16.93 -14.64 -2.69
C4X FAD E . 18.39 -13.19 -1.50
N5 FAD E . 19.08 -14.21 -0.73
C5X FAD E . 20.16 -13.84 0.23
C6 FAD E . 20.84 -14.80 0.99
C7 FAD E . 21.86 -14.40 1.87
C7M FAD E . 22.42 -15.65 2.54
C8 FAD E . 22.21 -13.04 2.03
C8M FAD E . 23.31 -12.64 3.01
C9 FAD E . 21.54 -12.08 1.27
C9A FAD E . 20.53 -12.48 0.38
N10 FAD E . 19.82 -11.43 -0.38
C10 FAD E . 18.78 -11.79 -1.32
C1' FAD E . 20.21 -10.05 -0.24
C2' FAD E . 21.08 -9.80 -1.50
O2' FAD E . 21.50 -11.00 -2.09
C3' FAD E . 22.34 -9.06 -1.15
O3' FAD E . 22.37 -8.96 0.24
C4' FAD E . 22.20 -7.68 -1.78
O4' FAD E . 21.61 -7.81 -3.04
C5' FAD E . 23.59 -7.14 -2.01
O5' FAD E . 23.77 -6.89 -3.38
P FAD E . 25.03 -5.87 -3.63
O1P FAD E . 25.61 -6.02 -5.00
O2P FAD E . 24.59 -4.47 -3.28
O3P FAD E . 26.15 -6.25 -2.50
C1 SIN F . 15.86 -11.63 0.35
O1 SIN F . 15.40 -10.60 -0.22
O2 SIN F . 16.83 -11.51 1.17
C2 SIN F . 15.33 -13.04 0.16
C3 SIN F . 16.15 -13.85 1.19
C4 SIN F . 15.80 -15.32 1.26
O3 SIN F . 15.05 -15.76 2.16
O4 SIN F . 16.26 -16.14 0.43
#